data_2YFY
#
_entry.id   2YFY
#
_cell.length_a   71.360
_cell.length_b   71.360
_cell.length_c   587.910
_cell.angle_alpha   90.00
_cell.angle_beta   90.00
_cell.angle_gamma   90.00
#
_symmetry.space_group_name_H-M   'P 41 21 2'
#
loop_
_entity.id
_entity.type
_entity.pdbx_description
1 polymer 'SARCOPLASMIC/ENDOPLASMIC RETICULUM CALCIUM ATPASE 1'
2 non-polymer 'DEBUTANOYL THAPSIGARGIN'
3 non-polymer 'POTASSIUM ION'
4 non-polymer 'MAGNESIUM ION'
#
_entity_poly.entity_id   1
_entity_poly.type   'polypeptide(L)'
_entity_poly.pdbx_seq_one_letter_code
;MEAAHSKSTEECLAYFGVSETTGLTPDQVKRHLEKYGHNELPAEEGKSLWELVIEQFEDLLVRILLLAACISFVLAWFEE
GEETITAFVEPFVILLILIANAIVGVWQERNAENAIEALKEYEPEMGKVYRADRKSVQRIKARDIVPGDIVEVAVGDKVP
ADIRILSIKSTTLRVDQSILTGESVSVIKHTEPVPDPRAVNQDKKNMLFSGTNIAAGKALGIVATTGVSTEIGKIRDQMA
ATEQDKTPLQQKLDEFGEQLSKVISLICVAVWLINIGHFNDPVHGGSWIRGAIYYFKIAVALAVAAIPEGLPAVITTCLA
LGTRRMAKKNAIVRSLPSVETLGCTSVICSDKTGTLTTNQMSVCKMFIIDKVDGDFCSLNEFSITGSTYAPEGEVLKNDK
PIRSGQFDGLVELATICALCNDSSLDFNETKGVYEKVGEATETALTTLVEKMNVFNTEVRNLSKVERANACNSVIRQLMK
KEFTLEFSRDRKSMSVYCSPAKSSRAAVGNKMFVKGAPEGVIDRCNYVRVGTTRVPMTGPVKEKILSVIKEWGTGRDTLR
CLALATRDTPPKREEMVLDDSSRFMEYETDLTFVGVVGMLDPPRKEVMGSIQLCRDAGIRVIMITGDNKGTAIAICRRIG
IFGENEEVADRAYTGREFDDLPLAEQREACRRACCFARVEPSHKSKIVEYLQSYDEITAMTGDGVNDAPALKKAEIGIAM
GSGTAVAKTASEMVLADDNFSTIVAAVEEGRAIYNNMKQFIRYLISSNVGEVVCIFLTAALGLPEALIPVQLLWVNLVTD
GLPATALGFNPPDLDIMDRPPRSPKEPLISGWLFFRYMAIGGYVGAATVGAAAWWFMYAEDGPGVTYHQLTHFMQCTEDH
PHFEGLDCEIFEAPEPMTMALSVLVTIEMCNALNSLSENQSLMRMPPWVNIWLLGSICLSMSLHFLILYVDPLPMIFKLK
ALDLTQWLMVLKISLPVIGLDEILKFIARNYLEG
;
_entity_poly.pdbx_strand_id   A
#
loop_
_chem_comp.id
_chem_comp.type
_chem_comp.name
_chem_comp.formula
9TN non-polymer 'DEBUTANOYL THAPSIGARGIN' 'C30 H44 O11'
K non-polymer 'POTASSIUM ION' 'K 1'
MG non-polymer 'MAGNESIUM ION' 'Mg 2'
#
# COMPACT_ATOMS: atom_id res chain seq x y z
N MET A 1 11.24 26.70 -21.31
CA MET A 1 10.74 25.32 -21.29
C MET A 1 10.31 24.88 -22.68
N GLU A 2 10.08 23.58 -22.87
CA GLU A 2 9.70 23.03 -24.17
C GLU A 2 9.65 21.50 -24.20
N ALA A 3 9.45 20.94 -25.39
CA ALA A 3 9.62 19.50 -25.61
C ALA A 3 10.91 19.28 -26.40
N ALA A 4 12.04 19.43 -25.70
CA ALA A 4 13.34 19.52 -26.35
C ALA A 4 13.77 18.25 -27.09
N HIS A 5 13.21 17.11 -26.70
CA HIS A 5 13.58 15.85 -27.32
C HIS A 5 13.34 15.86 -28.84
N SER A 6 12.24 16.46 -29.26
CA SER A 6 11.89 16.52 -30.67
C SER A 6 12.67 17.60 -31.42
N LYS A 7 13.13 18.61 -30.70
CA LYS A 7 13.89 19.70 -31.30
C LYS A 7 15.34 19.31 -31.57
N SER A 8 15.99 20.08 -32.44
CA SER A 8 17.40 19.86 -32.73
C SER A 8 18.24 20.69 -31.77
N THR A 9 19.53 20.37 -31.71
CA THR A 9 20.46 21.08 -30.85
C THR A 9 20.43 22.58 -31.16
N GLU A 10 20.46 22.91 -32.45
CA GLU A 10 20.45 24.28 -32.92
C GLU A 10 19.14 24.99 -32.60
N GLU A 11 18.04 24.27 -32.77
CA GLU A 11 16.72 24.82 -32.48
C GLU A 11 16.59 25.25 -31.03
N CYS A 12 16.99 24.35 -30.12
CA CYS A 12 16.93 24.64 -28.69
C CYS A 12 17.78 25.86 -28.32
N LEU A 13 18.99 25.92 -28.86
CA LEU A 13 19.86 27.06 -28.61
C LEU A 13 19.28 28.33 -29.21
N ALA A 14 18.58 28.18 -30.32
CA ALA A 14 17.95 29.31 -30.98
C ALA A 14 16.77 29.82 -30.14
N TYR A 15 15.96 28.89 -29.65
CA TYR A 15 14.79 29.24 -28.85
C TYR A 15 15.14 30.20 -27.72
N PHE A 16 16.13 29.83 -26.92
CA PHE A 16 16.53 30.62 -25.76
C PHE A 16 17.48 31.75 -26.14
N GLY A 17 17.93 31.76 -27.38
CA GLY A 17 18.87 32.77 -27.84
C GLY A 17 20.12 32.76 -27.00
N VAL A 18 20.67 31.58 -26.79
CA VAL A 18 21.86 31.41 -25.97
C VAL A 18 23.00 30.82 -26.81
N SER A 19 24.23 31.17 -26.47
CA SER A 19 25.39 30.63 -27.17
C SER A 19 25.98 29.47 -26.39
N GLU A 20 26.17 28.35 -27.09
CA GLU A 20 26.71 27.14 -26.46
C GLU A 20 28.14 27.37 -25.95
N THR A 21 28.83 28.30 -26.59
CA THR A 21 30.21 28.58 -26.26
C THR A 21 30.32 29.42 -24.98
N THR A 22 29.42 30.39 -24.84
CA THR A 22 29.47 31.32 -23.71
C THR A 22 28.46 30.99 -22.61
N GLY A 23 27.26 30.60 -23.01
CA GLY A 23 26.20 30.34 -22.07
C GLY A 23 25.29 31.55 -21.91
N LEU A 24 24.51 31.56 -20.83
CA LEU A 24 23.62 32.69 -20.57
C LEU A 24 24.38 33.87 -19.98
N THR A 25 24.03 35.06 -20.45
CA THR A 25 24.58 36.29 -19.89
C THR A 25 23.84 36.58 -18.59
N PRO A 26 24.42 37.40 -17.72
CA PRO A 26 23.78 37.69 -16.43
C PRO A 26 22.41 38.32 -16.61
N ASP A 27 22.22 39.10 -17.67
CA ASP A 27 20.93 39.70 -17.94
C ASP A 27 19.89 38.63 -18.25
N GLN A 28 20.21 37.74 -19.19
CA GLN A 28 19.30 36.67 -19.55
C GLN A 28 18.88 35.90 -18.30
N VAL A 29 19.80 35.78 -17.34
CA VAL A 29 19.50 35.13 -16.07
C VAL A 29 18.38 35.85 -15.34
N LYS A 30 18.54 37.16 -15.17
CA LYS A 30 17.54 37.98 -14.49
C LYS A 30 16.17 37.75 -15.10
N ARG A 31 16.07 37.87 -16.42
CA ARG A 31 14.82 37.68 -17.13
C ARG A 31 14.33 36.23 -17.00
N HIS A 32 15.19 35.28 -17.33
CA HIS A 32 14.83 33.86 -17.26
C HIS A 32 14.38 33.46 -15.86
N LEU A 33 15.05 33.98 -14.84
CA LEU A 33 14.75 33.63 -13.46
C LEU A 33 13.39 34.15 -13.04
N GLU A 34 13.10 35.39 -13.41
CA GLU A 34 11.81 36.01 -13.14
C GLU A 34 10.69 35.24 -13.82
N LYS A 35 10.93 34.84 -15.06
CA LYS A 35 9.90 34.20 -15.88
C LYS A 35 9.64 32.75 -15.48
N TYR A 36 10.71 32.01 -15.26
CA TYR A 36 10.61 30.57 -15.02
C TYR A 36 10.70 30.22 -13.54
N GLY A 37 10.90 31.21 -12.70
CA GLY A 37 11.09 30.98 -11.28
C GLY A 37 12.35 30.17 -11.04
N HIS A 38 12.50 29.65 -9.83
CA HIS A 38 13.69 28.90 -9.46
C HIS A 38 13.56 27.41 -9.75
N ASN A 39 14.70 26.75 -9.92
CA ASN A 39 14.73 25.31 -10.18
C ASN A 39 14.59 24.52 -8.89
N GLU A 40 13.42 24.60 -8.28
CA GLU A 40 13.17 23.95 -6.99
C GLU A 40 11.73 23.47 -6.86
N LEU A 41 11.52 22.45 -6.05
CA LEU A 41 10.17 21.98 -5.77
C LEU A 41 9.58 22.72 -4.58
N PRO A 42 8.32 23.14 -4.70
CA PRO A 42 7.60 23.95 -3.70
C PRO A 42 7.82 23.50 -2.26
N ALA A 43 7.56 24.41 -1.32
CA ALA A 43 7.81 24.17 0.10
C ALA A 43 6.82 23.20 0.75
N GLU A 44 7.25 22.58 1.86
CA GLU A 44 6.38 21.72 2.65
C GLU A 44 5.18 22.49 3.22
N GLU A 45 4.04 21.80 3.32
CA GLU A 45 2.86 22.41 3.92
C GLU A 45 3.21 22.95 5.31
N GLY A 46 2.97 24.24 5.51
CA GLY A 46 3.23 24.85 6.79
C GLY A 46 2.31 24.33 7.88
N LYS A 47 2.84 23.46 8.74
CA LYS A 47 2.11 23.03 9.91
C LYS A 47 2.80 23.51 11.18
N SER A 48 2.02 23.77 12.22
CA SER A 48 2.56 24.17 13.50
C SER A 48 1.85 23.40 14.61
N LEU A 49 2.46 23.33 15.79
CA LEU A 49 1.80 22.76 16.94
C LEU A 49 0.41 23.41 17.04
N TRP A 50 0.43 24.72 17.24
CA TRP A 50 -0.80 25.52 17.34
C TRP A 50 -1.80 25.27 16.21
N GLU A 51 -1.39 24.61 15.14
CA GLU A 51 -2.31 24.26 14.07
C GLU A 51 -2.62 22.77 14.14
N LEU A 52 -1.63 22.00 14.58
CA LEU A 52 -1.75 20.57 14.80
C LEU A 52 -2.71 20.28 15.96
N VAL A 53 -2.43 20.85 17.12
CA VAL A 53 -3.23 20.54 18.31
C VAL A 53 -4.70 20.96 18.21
N ILE A 54 -5.01 21.89 17.31
CA ILE A 54 -6.39 22.35 17.17
C ILE A 54 -7.20 21.35 16.36
N GLU A 55 -6.54 20.73 15.38
CA GLU A 55 -7.18 19.67 14.60
C GLU A 55 -7.51 18.52 15.54
N GLN A 56 -6.69 18.36 16.58
CA GLN A 56 -6.93 17.35 17.60
C GLN A 56 -8.27 17.62 18.28
N PHE A 57 -8.62 18.90 18.42
CA PHE A 57 -9.83 19.30 19.12
C PHE A 57 -10.94 19.77 18.19
N GLU A 58 -10.94 19.28 16.96
CA GLU A 58 -11.97 19.72 16.01
C GLU A 58 -12.96 18.61 15.63
N ASP A 59 -12.68 17.38 16.05
CA ASP A 59 -13.67 16.31 15.97
C ASP A 59 -14.75 16.60 16.99
N LEU A 60 -16.01 16.37 16.61
CA LEU A 60 -17.12 16.66 17.50
C LEU A 60 -16.97 15.98 18.86
N LEU A 61 -16.71 14.67 18.82
CA LEU A 61 -16.58 13.85 20.04
C LEU A 61 -15.57 14.39 21.05
N VAL A 62 -14.60 15.18 20.60
CA VAL A 62 -13.64 15.78 21.51
C VAL A 62 -14.12 17.13 22.02
N ARG A 63 -14.90 17.82 21.19
CA ARG A 63 -15.42 19.13 21.57
C ARG A 63 -16.43 19.06 22.71
N ILE A 64 -17.46 18.23 22.56
CA ILE A 64 -18.46 18.07 23.62
C ILE A 64 -17.84 17.53 24.90
N LEU A 65 -16.83 16.69 24.76
CA LEU A 65 -16.08 16.19 25.91
C LEU A 65 -15.36 17.35 26.60
N LEU A 66 -14.70 18.18 25.82
CA LEU A 66 -14.05 19.38 26.34
C LEU A 66 -15.06 20.25 27.09
N LEU A 67 -16.17 20.56 26.41
CA LEU A 67 -17.24 21.36 27.01
C LEU A 67 -17.70 20.79 28.35
N ALA A 68 -17.85 19.47 28.40
CA ALA A 68 -18.28 18.79 29.62
C ALA A 68 -17.29 19.03 30.76
N ALA A 69 -16.00 18.97 30.44
CA ALA A 69 -14.95 19.17 31.44
C ALA A 69 -15.13 20.49 32.18
N CYS A 70 -15.37 21.56 31.42
CA CYS A 70 -15.53 22.90 31.98
C CYS A 70 -16.69 22.93 32.98
N ILE A 71 -17.85 22.47 32.52
CA ILE A 71 -19.03 22.44 33.38
C ILE A 71 -18.71 21.76 34.71
N SER A 72 -18.16 20.54 34.65
CA SER A 72 -17.75 19.83 35.85
C SER A 72 -16.74 20.65 36.63
N PHE A 73 -15.78 21.25 35.92
CA PHE A 73 -14.78 22.11 36.53
C PHE A 73 -15.45 23.25 37.28
N VAL A 74 -16.40 23.91 36.61
CA VAL A 74 -17.18 24.99 37.20
C VAL A 74 -17.99 24.49 38.39
N LEU A 75 -18.75 23.43 38.18
CA LEU A 75 -19.54 22.81 39.23
C LEU A 75 -18.67 22.55 40.44
N ALA A 76 -17.41 22.19 40.20
CA ALA A 76 -16.51 21.77 41.25
C ALA A 76 -15.96 22.96 42.06
N TRP A 77 -16.19 24.16 41.56
CA TRP A 77 -15.87 25.37 42.34
C TRP A 77 -16.98 25.62 43.35
N PHE A 78 -18.17 25.10 43.06
CA PHE A 78 -19.34 25.30 43.92
C PHE A 78 -19.35 24.33 45.10
N GLU A 79 -18.47 23.33 45.04
CA GLU A 79 -18.35 22.33 46.09
C GLU A 79 -17.70 22.87 47.36
N GLU A 80 -18.43 22.74 48.48
CA GLU A 80 -17.92 23.16 49.78
C GLU A 80 -16.46 22.71 49.95
N GLY A 81 -15.62 23.58 50.50
CA GLY A 81 -14.23 23.22 50.76
C GLY A 81 -14.21 21.94 51.56
N GLU A 82 -15.27 21.71 52.33
CA GLU A 82 -15.39 20.52 53.16
C GLU A 82 -16.14 19.38 52.48
N GLU A 83 -17.16 19.69 51.71
CA GLU A 83 -18.00 18.67 51.10
C GLU A 83 -17.20 17.67 50.25
N THR A 84 -16.18 18.17 49.56
CA THR A 84 -15.28 17.31 48.79
C THR A 84 -13.98 18.01 48.37
N ILE A 85 -12.86 17.39 48.72
CA ILE A 85 -11.55 17.83 48.27
C ILE A 85 -11.35 17.34 46.84
N THR A 86 -12.00 16.23 46.53
CA THR A 86 -11.83 15.54 45.25
C THR A 86 -12.76 16.04 44.17
N ALA A 87 -13.51 17.10 44.46
CA ALA A 87 -14.44 17.64 43.46
C ALA A 87 -13.73 17.90 42.14
N PHE A 88 -12.50 18.39 42.24
CA PHE A 88 -11.72 18.77 41.07
C PHE A 88 -11.13 17.58 40.31
N VAL A 89 -11.36 16.36 40.80
CA VAL A 89 -10.83 15.19 40.11
C VAL A 89 -11.59 14.90 38.82
N GLU A 90 -12.92 14.91 38.92
CA GLU A 90 -13.80 14.65 37.79
C GLU A 90 -13.45 15.46 36.53
N PRO A 91 -13.32 16.79 36.67
CA PRO A 91 -12.99 17.61 35.50
C PRO A 91 -11.59 17.32 34.98
N PHE A 92 -10.63 17.17 35.89
CA PHE A 92 -9.27 16.84 35.49
C PHE A 92 -9.24 15.60 34.62
N VAL A 93 -9.88 14.53 35.08
CA VAL A 93 -9.88 13.26 34.36
C VAL A 93 -10.29 13.42 32.90
N ILE A 94 -11.33 14.20 32.66
CA ILE A 94 -11.78 14.42 31.30
C ILE A 94 -10.65 15.08 30.50
N LEU A 95 -10.14 16.19 31.03
CA LEU A 95 -9.11 16.96 30.37
C LEU A 95 -7.88 16.13 30.06
N LEU A 96 -7.40 15.35 31.04
CA LEU A 96 -6.17 14.59 30.83
C LEU A 96 -6.34 13.42 29.86
N ILE A 97 -7.59 13.05 29.58
CA ILE A 97 -7.88 12.16 28.45
C ILE A 97 -7.71 12.94 27.16
N LEU A 98 -8.32 14.13 27.10
CA LEU A 98 -8.24 15.01 25.94
C LEU A 98 -6.80 15.43 25.66
N ILE A 99 -6.00 15.56 26.71
CA ILE A 99 -4.61 15.94 26.56
C ILE A 99 -3.81 14.73 26.11
N ALA A 100 -4.15 13.57 26.65
CA ALA A 100 -3.48 12.34 26.28
C ALA A 100 -3.67 12.00 24.78
N ASN A 101 -4.91 12.01 24.31
CA ASN A 101 -5.17 11.73 22.90
C ASN A 101 -4.58 12.82 22.00
N ALA A 102 -4.63 14.05 22.49
CA ALA A 102 -4.03 15.16 21.78
C ALA A 102 -2.54 14.88 21.61
N ILE A 103 -1.91 14.46 22.70
CA ILE A 103 -0.51 14.06 22.69
C ILE A 103 -0.26 12.95 21.68
N VAL A 104 -1.11 11.92 21.70
CA VAL A 104 -0.97 10.79 20.79
C VAL A 104 -0.96 11.24 19.34
N GLY A 105 -1.95 12.06 18.97
CA GLY A 105 -2.07 12.54 17.60
C GLY A 105 -0.82 13.22 17.09
N VAL A 106 -0.29 14.16 17.87
CA VAL A 106 0.89 14.92 17.46
C VAL A 106 2.13 14.07 17.23
N TRP A 107 2.41 13.14 18.13
CA TRP A 107 3.58 12.28 17.99
C TRP A 107 3.52 11.47 16.69
N GLN A 108 2.33 11.03 16.33
CA GLN A 108 2.13 10.28 15.10
C GLN A 108 2.44 11.11 13.85
N GLU A 109 2.02 12.37 13.85
CA GLU A 109 2.27 13.26 12.73
C GLU A 109 3.75 13.63 12.62
N ARG A 110 4.38 13.95 13.74
CA ARG A 110 5.81 14.26 13.75
C ARG A 110 6.62 13.15 13.08
N ASN A 111 6.18 11.91 13.29
CA ASN A 111 6.83 10.74 12.72
C ASN A 111 6.45 10.47 11.27
N ALA A 112 5.19 10.72 10.95
CA ALA A 112 4.68 10.52 9.60
C ALA A 112 5.59 11.18 8.56
N GLU A 113 5.78 10.49 7.44
CA GLU A 113 6.63 11.00 6.36
C GLU A 113 5.87 11.26 5.07
N ASN A 114 6.01 12.47 4.55
CA ASN A 114 5.35 12.86 3.32
C ASN A 114 6.05 12.25 2.12
N ALA A 115 5.28 11.85 1.11
CA ALA A 115 5.84 11.25 -0.10
C ALA A 115 6.47 12.32 -1.00
N ILE A 116 5.85 13.48 -1.04
CA ILE A 116 6.37 14.62 -1.80
C ILE A 116 7.77 15.01 -1.32
N GLU A 117 7.99 14.97 -0.02
CA GLU A 117 9.29 15.32 0.57
C GLU A 117 10.38 14.36 0.12
N ALA A 118 10.01 13.11 -0.10
CA ALA A 118 10.98 12.10 -0.54
C ALA A 118 11.62 12.47 -1.87
N LEU A 119 10.89 13.22 -2.70
CA LEU A 119 11.40 13.66 -3.99
C LEU A 119 12.61 14.58 -3.82
N LYS A 120 12.61 15.36 -2.74
CA LYS A 120 13.67 16.33 -2.49
C LYS A 120 15.04 15.67 -2.39
N GLU A 121 15.08 14.41 -1.97
CA GLU A 121 16.34 13.70 -1.83
C GLU A 121 17.02 13.59 -3.19
N TYR A 122 16.23 13.75 -4.25
CA TYR A 122 16.76 13.67 -5.62
C TYR A 122 17.26 15.02 -6.11
N GLU A 123 16.97 16.08 -5.35
CA GLU A 123 17.46 17.41 -5.69
C GLU A 123 18.91 17.54 -5.26
N PRO A 124 19.80 17.82 -6.21
CA PRO A 124 21.20 18.08 -5.88
C PRO A 124 21.33 19.52 -5.39
N GLU A 125 22.24 19.75 -4.45
CA GLU A 125 22.41 21.09 -3.93
C GLU A 125 23.17 21.95 -4.93
N MET A 126 24.10 21.31 -5.64
CA MET A 126 24.97 22.01 -6.56
C MET A 126 24.82 21.51 -7.99
N GLY A 127 25.21 22.38 -8.93
CA GLY A 127 25.26 22.04 -10.33
C GLY A 127 26.30 22.94 -11.00
N LYS A 128 26.81 22.52 -12.15
CA LYS A 128 27.83 23.31 -12.83
C LYS A 128 27.34 23.84 -14.19
N VAL A 129 27.60 25.11 -14.46
CA VAL A 129 27.08 25.78 -15.65
C VAL A 129 28.10 26.66 -16.33
N TYR A 130 27.82 27.02 -17.58
CA TYR A 130 28.62 28.00 -18.31
C TYR A 130 27.80 29.26 -18.55
N ARG A 131 28.34 30.40 -18.14
CA ARG A 131 27.66 31.67 -18.34
C ARG A 131 28.61 32.72 -18.90
N ALA A 132 28.06 33.85 -19.33
CA ALA A 132 28.86 34.90 -19.95
C ALA A 132 29.96 35.41 -19.03
N ASP A 133 29.68 35.43 -17.73
CA ASP A 133 30.61 36.00 -16.75
C ASP A 133 32.01 35.40 -16.86
N ARG A 134 32.09 34.09 -17.02
CA ARG A 134 33.37 33.41 -16.97
C ARG A 134 33.51 32.29 -18.00
N LYS A 135 34.70 32.20 -18.57
CA LYS A 135 35.04 31.13 -19.48
C LYS A 135 35.05 29.80 -18.73
N SER A 136 35.68 29.79 -17.56
CA SER A 136 35.72 28.62 -16.70
C SER A 136 34.34 28.28 -16.14
N VAL A 137 34.10 26.98 -15.94
CA VAL A 137 32.85 26.52 -15.34
C VAL A 137 32.69 27.07 -13.93
N GLN A 138 31.45 27.40 -13.57
CA GLN A 138 31.15 27.81 -12.20
C GLN A 138 30.17 26.83 -11.54
N ARG A 139 30.43 26.52 -10.28
CA ARG A 139 29.57 25.61 -9.53
C ARG A 139 28.58 26.40 -8.68
N ILE A 140 27.29 26.23 -8.97
CA ILE A 140 26.26 27.01 -8.31
C ILE A 140 25.20 26.11 -7.67
N LYS A 141 24.31 26.72 -6.90
CA LYS A 141 23.20 26.02 -6.29
C LYS A 141 22.22 25.61 -7.38
N ALA A 142 21.85 24.34 -7.42
CA ALA A 142 20.91 23.86 -8.43
C ALA A 142 19.67 24.75 -8.45
N ARG A 143 19.29 25.22 -7.27
CA ARG A 143 18.15 26.11 -7.11
C ARG A 143 18.21 27.31 -8.05
N ASP A 144 19.41 27.80 -8.31
CA ASP A 144 19.60 29.02 -9.10
C ASP A 144 19.72 28.72 -10.60
N ILE A 145 19.55 27.47 -10.98
CA ILE A 145 19.64 27.10 -12.40
C ILE A 145 18.38 27.49 -13.15
N VAL A 146 18.55 28.02 -14.36
CA VAL A 146 17.43 28.53 -15.14
C VAL A 146 17.37 27.84 -16.51
N PRO A 147 16.18 27.79 -17.11
CA PRO A 147 16.02 27.20 -18.45
C PRO A 147 16.81 27.97 -19.49
N GLY A 148 17.32 27.27 -20.51
CA GLY A 148 18.12 27.89 -21.54
C GLY A 148 19.57 28.04 -21.12
N ASP A 149 19.87 27.60 -19.90
CA ASP A 149 21.21 27.70 -19.36
C ASP A 149 22.06 26.55 -19.86
N ILE A 150 23.35 26.79 -20.05
CA ILE A 150 24.25 25.71 -20.45
C ILE A 150 24.77 24.98 -19.22
N VAL A 151 24.57 23.66 -19.20
CA VAL A 151 24.94 22.84 -18.06
C VAL A 151 26.00 21.80 -18.38
N GLU A 152 26.86 21.52 -17.41
CA GLU A 152 27.89 20.49 -17.56
C GLU A 152 27.70 19.40 -16.52
N VAL A 153 27.67 18.16 -16.98
CA VAL A 153 27.53 17.00 -16.09
C VAL A 153 28.57 15.93 -16.38
N ALA A 154 28.98 15.23 -15.34
CA ALA A 154 29.95 14.15 -15.47
C ALA A 154 29.64 13.04 -14.49
N VAL A 155 30.39 11.96 -14.56
CA VAL A 155 30.12 10.79 -13.73
C VAL A 155 29.94 11.16 -12.25
N GLY A 156 28.99 10.49 -11.62
CA GLY A 156 28.73 10.70 -10.20
C GLY A 156 27.71 11.78 -9.93
N ASP A 157 27.65 12.77 -10.83
CA ASP A 157 26.76 13.91 -10.66
C ASP A 157 25.29 13.52 -10.71
N LYS A 158 24.50 14.21 -9.89
CA LYS A 158 23.05 14.06 -9.91
C LYS A 158 22.48 15.18 -10.78
N VAL A 159 21.73 14.80 -11.81
CA VAL A 159 21.20 15.76 -12.78
C VAL A 159 20.28 16.79 -12.11
N PRO A 160 20.70 18.05 -12.12
CA PRO A 160 20.00 19.15 -11.42
C PRO A 160 18.62 19.46 -11.97
N ALA A 161 18.48 19.43 -13.30
CA ALA A 161 17.23 19.77 -13.96
C ALA A 161 17.09 18.99 -15.27
N ASP A 162 15.92 19.06 -15.89
CA ASP A 162 15.69 18.40 -17.17
C ASP A 162 16.51 19.06 -18.28
N ILE A 163 17.41 18.30 -18.87
CA ILE A 163 18.40 18.84 -19.79
C ILE A 163 18.36 18.21 -21.17
N ARG A 164 18.45 19.04 -22.20
CA ARG A 164 18.69 18.56 -23.55
C ARG A 164 20.19 18.50 -23.78
N ILE A 165 20.67 17.35 -24.25
CA ILE A 165 22.10 17.15 -24.43
C ILE A 165 22.60 17.75 -25.74
N LEU A 166 23.48 18.73 -25.62
CA LEU A 166 24.00 19.45 -26.79
C LEU A 166 25.19 18.72 -27.43
N SER A 167 26.14 18.30 -26.59
CA SER A 167 27.29 17.53 -27.05
C SER A 167 27.84 16.65 -25.94
N ILE A 168 28.40 15.49 -26.32
CA ILE A 168 28.97 14.56 -25.35
C ILE A 168 30.48 14.50 -25.48
N LYS A 169 31.19 14.96 -24.46
CA LYS A 169 32.65 15.04 -24.49
C LYS A 169 33.27 13.67 -24.36
N SER A 170 32.71 12.86 -23.45
CA SER A 170 33.16 11.49 -23.26
C SER A 170 32.84 10.64 -24.48
N THR A 171 33.53 9.51 -24.61
CA THR A 171 33.31 8.60 -25.72
C THR A 171 31.91 7.99 -25.65
N THR A 172 31.46 7.72 -24.42
CA THR A 172 30.13 7.18 -24.20
C THR A 172 29.48 7.83 -22.98
N LEU A 173 28.18 8.07 -23.06
CA LEU A 173 27.44 8.66 -21.95
C LEU A 173 26.36 7.71 -21.45
N ARG A 174 26.46 7.33 -20.18
CA ARG A 174 25.49 6.44 -19.55
C ARG A 174 24.83 7.10 -18.35
N VAL A 175 23.54 6.81 -18.17
CA VAL A 175 22.78 7.41 -17.08
C VAL A 175 22.01 6.36 -16.30
N ASP A 176 21.78 6.65 -15.01
CA ASP A 176 21.06 5.72 -14.14
C ASP A 176 19.67 6.25 -13.81
N GLN A 177 18.66 5.70 -14.47
CA GLN A 177 17.31 6.17 -14.31
C GLN A 177 16.51 5.28 -13.34
N SER A 178 17.23 4.69 -12.38
CA SER A 178 16.62 3.79 -11.41
C SER A 178 15.64 4.51 -10.50
N ILE A 179 15.96 5.75 -10.12
CA ILE A 179 15.05 6.57 -9.33
C ILE A 179 13.68 6.61 -10.00
N LEU A 180 13.69 6.62 -11.33
CA LEU A 180 12.47 6.65 -12.12
C LEU A 180 11.79 5.28 -12.20
N THR A 181 12.48 4.31 -12.80
CA THR A 181 11.87 3.01 -13.07
C THR A 181 12.20 1.91 -12.06
N GLY A 182 13.31 2.09 -11.34
CA GLY A 182 13.74 1.11 -10.37
C GLY A 182 14.83 0.21 -10.92
N GLU A 183 15.18 0.45 -12.18
CA GLU A 183 16.20 -0.33 -12.87
C GLU A 183 17.57 0.33 -12.70
N SER A 184 18.51 -0.42 -12.15
CA SER A 184 19.85 0.10 -11.94
C SER A 184 20.62 0.22 -13.25
N VAL A 185 20.23 -0.59 -14.24
CA VAL A 185 20.90 -0.61 -15.54
C VAL A 185 21.07 0.77 -16.15
N SER A 186 22.30 1.09 -16.56
CA SER A 186 22.59 2.37 -17.17
C SER A 186 22.07 2.39 -18.61
N VAL A 187 21.93 3.59 -19.17
CA VAL A 187 21.44 3.74 -20.53
C VAL A 187 22.26 4.74 -21.35
N ILE A 188 22.53 4.40 -22.61
CA ILE A 188 23.30 5.28 -23.49
C ILE A 188 22.43 6.45 -23.98
N LYS A 189 23.04 7.62 -24.08
CA LYS A 189 22.34 8.81 -24.57
C LYS A 189 22.99 9.32 -25.86
N HIS A 190 22.18 9.99 -26.69
CA HIS A 190 22.65 10.52 -27.96
C HIS A 190 22.24 11.98 -28.17
N THR A 191 22.92 12.66 -29.07
CA THR A 191 22.61 14.06 -29.37
C THR A 191 21.46 14.18 -30.37
N GLU A 192 21.42 13.28 -31.34
CA GLU A 192 20.39 13.33 -32.37
C GLU A 192 19.00 13.34 -31.75
N PRO A 193 18.10 14.16 -32.31
CA PRO A 193 16.75 14.39 -31.78
C PRO A 193 15.81 13.21 -31.96
N VAL A 194 14.78 13.17 -31.12
CA VAL A 194 13.70 12.20 -31.23
C VAL A 194 12.52 12.81 -31.99
N PRO A 195 12.14 12.20 -33.12
CA PRO A 195 11.11 12.77 -34.01
C PRO A 195 9.74 12.93 -33.35
N ASP A 196 9.35 11.99 -32.49
CA ASP A 196 8.03 12.00 -31.87
C ASP A 196 7.92 13.02 -30.74
N PRO A 197 6.91 13.88 -30.78
CA PRO A 197 6.64 14.92 -29.77
C PRO A 197 6.00 14.35 -28.50
N ARG A 198 5.33 13.21 -28.62
CA ARG A 198 4.66 12.58 -27.49
C ARG A 198 5.44 11.40 -26.96
N ALA A 199 6.69 11.27 -27.41
CA ALA A 199 7.55 10.17 -26.97
C ALA A 199 7.59 10.07 -25.45
N VAL A 200 7.42 8.85 -24.93
CA VAL A 200 7.50 8.61 -23.50
C VAL A 200 8.94 8.83 -23.02
N ASN A 201 9.12 9.01 -21.72
CA ASN A 201 10.46 9.30 -21.19
C ASN A 201 11.51 8.31 -21.63
N GLN A 202 11.17 7.02 -21.59
CA GLN A 202 12.13 5.99 -21.91
C GLN A 202 12.73 6.17 -23.30
N ASP A 203 11.98 6.78 -24.20
CA ASP A 203 12.44 6.95 -25.58
C ASP A 203 13.10 8.31 -25.85
N LYS A 204 13.11 9.18 -24.84
CA LYS A 204 13.83 10.45 -24.94
C LYS A 204 15.32 10.19 -24.69
N LYS A 205 16.00 9.66 -25.70
CA LYS A 205 17.40 9.25 -25.57
C LYS A 205 18.35 10.45 -25.53
N ASN A 206 17.89 11.59 -26.02
CA ASN A 206 18.68 12.82 -26.04
C ASN A 206 18.40 13.70 -24.84
N MET A 207 17.82 13.10 -23.80
CA MET A 207 17.34 13.85 -22.65
C MET A 207 17.99 13.41 -21.34
N LEU A 208 18.13 14.36 -20.42
CA LEU A 208 18.57 14.08 -19.05
C LEU A 208 17.49 14.56 -18.10
N PHE A 209 17.06 13.69 -17.20
CA PHE A 209 16.01 14.04 -16.26
C PHE A 209 16.59 14.47 -14.90
N SER A 210 15.98 15.47 -14.30
CA SER A 210 16.41 15.90 -12.98
C SER A 210 16.30 14.72 -12.03
N GLY A 211 17.27 14.57 -11.13
CA GLY A 211 17.23 13.52 -10.12
C GLY A 211 18.01 12.28 -10.45
N THR A 212 18.27 12.04 -11.73
CA THR A 212 19.04 10.87 -12.14
C THR A 212 20.54 11.06 -11.91
N ASN A 213 21.25 9.94 -11.79
CA ASN A 213 22.70 9.96 -11.67
C ASN A 213 23.35 9.63 -13.00
N ILE A 214 24.52 10.22 -13.27
CA ILE A 214 25.28 9.85 -14.46
C ILE A 214 26.16 8.65 -14.16
N ALA A 215 25.87 7.53 -14.82
CA ALA A 215 26.64 6.31 -14.63
C ALA A 215 28.08 6.46 -15.14
N ALA A 216 28.22 6.87 -16.39
CA ALA A 216 29.53 7.01 -17.03
C ALA A 216 29.55 8.18 -18.01
N GLY A 217 30.74 8.71 -18.29
CA GLY A 217 30.91 9.76 -19.27
C GLY A 217 30.70 11.18 -18.78
N LYS A 218 30.98 12.14 -19.66
CA LYS A 218 30.76 13.56 -19.39
C LYS A 218 30.08 14.21 -20.58
N ALA A 219 29.15 15.12 -20.31
CA ALA A 219 28.39 15.73 -21.39
C ALA A 219 28.04 17.19 -21.11
N LEU A 220 27.68 17.90 -22.17
CA LEU A 220 27.27 19.30 -22.07
C LEU A 220 25.83 19.39 -22.56
N GLY A 221 25.02 20.19 -21.88
CA GLY A 221 23.61 20.25 -22.22
C GLY A 221 22.94 21.57 -21.91
N ILE A 222 21.86 21.83 -22.63
CA ILE A 222 21.05 23.02 -22.39
C ILE A 222 19.86 22.66 -21.51
N VAL A 223 19.52 23.53 -20.58
CA VAL A 223 18.41 23.27 -19.67
C VAL A 223 17.07 23.53 -20.35
N ALA A 224 16.28 22.47 -20.52
CA ALA A 224 14.96 22.59 -21.13
C ALA A 224 13.94 23.14 -20.16
N THR A 225 13.74 22.44 -19.04
CA THR A 225 12.79 22.85 -18.02
C THR A 225 13.36 22.74 -16.61
N THR A 226 12.79 23.49 -15.67
CA THR A 226 13.24 23.46 -14.29
C THR A 226 12.08 23.41 -13.30
N GLY A 227 12.40 23.08 -12.05
CA GLY A 227 11.43 23.11 -10.98
C GLY A 227 10.25 22.19 -11.19
N VAL A 228 9.05 22.75 -11.09
CA VAL A 228 7.81 21.98 -11.21
C VAL A 228 7.63 21.40 -12.61
N SER A 229 8.29 22.02 -13.58
CA SER A 229 8.10 21.65 -14.98
C SER A 229 8.83 20.36 -15.36
N THR A 230 9.85 20.01 -14.60
CA THR A 230 10.62 18.79 -14.84
C THR A 230 9.73 17.56 -14.73
N GLU A 231 10.20 16.43 -15.23
CA GLU A 231 9.43 15.19 -15.20
C GLU A 231 9.08 14.84 -13.76
N ILE A 232 10.05 15.00 -12.87
CA ILE A 232 9.84 14.75 -11.45
C ILE A 232 8.86 15.77 -10.88
N GLY A 233 8.98 17.01 -11.35
CA GLY A 233 8.11 18.08 -10.91
C GLY A 233 6.66 17.82 -11.30
N LYS A 234 6.47 17.38 -12.54
CA LYS A 234 5.14 17.00 -13.02
C LYS A 234 4.56 15.91 -12.16
N ILE A 235 5.41 14.96 -11.77
CA ILE A 235 4.99 13.85 -10.92
C ILE A 235 4.59 14.34 -9.54
N ARG A 236 5.29 15.36 -9.04
CA ARG A 236 4.92 15.96 -7.78
C ARG A 236 3.56 16.61 -7.86
N ASP A 237 3.31 17.29 -8.97
CA ASP A 237 2.03 17.97 -9.18
C ASP A 237 0.86 16.99 -9.18
N GLN A 238 1.09 15.82 -9.75
CA GLN A 238 0.06 14.77 -9.77
C GLN A 238 -0.25 14.31 -8.35
N MET A 239 0.80 14.12 -7.55
CA MET A 239 0.66 13.67 -6.18
C MET A 239 0.02 14.74 -5.31
N ALA A 240 0.41 16.00 -5.52
CA ALA A 240 -0.20 17.10 -4.80
C ALA A 240 -1.67 17.23 -5.17
N ALA A 241 -1.98 17.03 -6.44
CA ALA A 241 -3.35 17.15 -6.94
C ALA A 241 -4.24 16.02 -6.42
N THR A 242 -3.64 14.86 -6.19
CA THR A 242 -4.37 13.68 -5.74
C THR A 242 -4.89 13.88 -4.32
N GLU A 243 -6.08 13.38 -4.06
CA GLU A 243 -6.67 13.45 -2.72
C GLU A 243 -7.11 12.07 -2.25
N GLN A 244 -6.98 11.81 -0.96
CA GLN A 244 -7.31 10.51 -0.39
C GLN A 244 -8.55 10.55 0.49
N ASP A 245 -9.55 9.76 0.13
CA ASP A 245 -10.72 9.60 0.99
C ASP A 245 -10.28 8.99 2.30
N LYS A 246 -11.08 9.20 3.34
CA LYS A 246 -10.80 8.60 4.64
C LYS A 246 -11.21 7.14 4.62
N THR A 247 -10.47 6.30 5.33
CA THR A 247 -10.85 4.90 5.51
C THR A 247 -12.34 4.82 5.79
N PRO A 248 -13.03 3.88 5.13
CA PRO A 248 -14.48 3.76 5.34
C PRO A 248 -14.86 3.83 6.81
N LEU A 249 -14.17 3.10 7.67
CA LEU A 249 -14.41 3.20 9.11
C LEU A 249 -14.39 4.66 9.55
N GLN A 250 -13.23 5.31 9.39
CA GLN A 250 -13.11 6.72 9.71
C GLN A 250 -14.40 7.45 9.33
N GLN A 251 -14.83 7.30 8.08
CA GLN A 251 -16.07 7.94 7.61
C GLN A 251 -17.26 7.62 8.53
N LYS A 252 -17.38 6.36 8.91
CA LYS A 252 -18.46 5.93 9.81
C LYS A 252 -18.44 6.65 11.15
N LEU A 253 -17.29 6.67 11.81
CA LEU A 253 -17.15 7.31 13.12
C LEU A 253 -17.54 8.79 13.08
N ASP A 254 -17.16 9.47 12.01
CA ASP A 254 -17.48 10.89 11.85
C ASP A 254 -19.00 11.11 11.84
N GLU A 255 -19.72 10.22 11.16
CA GLU A 255 -21.18 10.29 11.13
C GLU A 255 -21.75 9.84 12.47
N PHE A 256 -21.02 8.98 13.16
CA PHE A 256 -21.45 8.51 14.46
C PHE A 256 -21.51 9.68 15.44
N GLY A 257 -20.38 10.33 15.68
CA GLY A 257 -20.33 11.50 16.53
C GLY A 257 -21.26 12.59 16.02
N GLU A 258 -21.39 12.67 14.70
CA GLU A 258 -22.33 13.57 14.06
C GLU A 258 -23.75 13.33 14.56
N GLN A 259 -24.22 12.09 14.42
CA GLN A 259 -25.54 11.71 14.90
C GLN A 259 -25.62 11.84 16.42
N LEU A 260 -24.56 11.38 17.09
CA LEU A 260 -24.51 11.40 18.55
C LEU A 260 -24.79 12.80 19.07
N SER A 261 -24.29 13.80 18.35
CA SER A 261 -24.55 15.19 18.70
C SER A 261 -26.05 15.47 18.76
N LYS A 262 -26.76 15.12 17.69
CA LYS A 262 -28.20 15.31 17.63
C LYS A 262 -28.91 14.58 18.77
N VAL A 263 -28.63 13.29 18.93
CA VAL A 263 -29.24 12.49 19.98
C VAL A 263 -29.07 13.18 21.33
N ILE A 264 -27.83 13.54 21.65
CA ILE A 264 -27.53 14.25 22.89
C ILE A 264 -28.45 15.46 23.08
N SER A 265 -28.46 16.36 22.09
CA SER A 265 -29.31 17.54 22.17
C SER A 265 -30.78 17.15 22.32
N LEU A 266 -31.20 16.11 21.63
CA LEU A 266 -32.58 15.63 21.72
C LEU A 266 -32.91 15.19 23.14
N ILE A 267 -31.98 14.52 23.80
CA ILE A 267 -32.23 14.01 25.15
C ILE A 267 -32.54 15.17 26.09
N CYS A 268 -31.73 16.22 26.01
CA CYS A 268 -31.92 17.40 26.84
C CYS A 268 -33.30 18.01 26.61
N VAL A 269 -33.67 18.15 25.33
CA VAL A 269 -35.01 18.60 24.97
C VAL A 269 -36.06 17.76 25.71
N ALA A 270 -36.04 16.45 25.49
CA ALA A 270 -36.99 15.55 26.14
C ALA A 270 -36.92 15.65 27.67
N VAL A 271 -35.72 15.50 28.20
CA VAL A 271 -35.47 15.65 29.63
C VAL A 271 -36.14 16.92 30.17
N TRP A 272 -36.13 17.96 29.37
CA TRP A 272 -36.67 19.24 29.78
C TRP A 272 -38.20 19.24 29.85
N LEU A 273 -38.85 18.66 28.85
CA LEU A 273 -40.32 18.59 28.82
C LEU A 273 -40.89 17.63 29.87
N ILE A 274 -40.18 16.52 30.09
CA ILE A 274 -40.56 15.56 31.12
C ILE A 274 -40.69 16.30 32.45
N ASN A 275 -39.78 17.25 32.66
CA ASN A 275 -39.84 18.11 33.83
C ASN A 275 -40.37 19.49 33.48
N ILE A 276 -41.40 19.55 32.63
CA ILE A 276 -42.01 20.80 32.23
C ILE A 276 -43.02 21.28 33.27
N GLY A 277 -43.60 20.33 33.99
CA GLY A 277 -44.56 20.64 35.03
C GLY A 277 -43.98 21.60 36.06
N HIS A 278 -42.67 21.78 36.05
CA HIS A 278 -41.99 22.65 37.01
C HIS A 278 -42.38 24.11 36.86
N PHE A 279 -42.99 24.47 35.73
CA PHE A 279 -43.50 25.81 35.54
C PHE A 279 -44.75 26.03 36.37
N ASN A 280 -45.47 24.94 36.61
CA ASN A 280 -46.57 24.96 37.56
C ASN A 280 -46.03 24.71 38.98
N ASP A 281 -45.02 25.50 39.39
CA ASP A 281 -44.38 25.35 40.71
C ASP A 281 -44.26 26.67 41.48
N PRO A 282 -44.20 26.61 42.82
CA PRO A 282 -44.08 27.80 43.67
C PRO A 282 -42.99 28.76 43.15
N VAL A 283 -43.25 30.06 43.24
CA VAL A 283 -42.30 31.06 42.75
C VAL A 283 -41.34 31.53 43.84
N HIS A 284 -41.44 30.93 45.01
CA HIS A 284 -40.58 31.31 46.13
C HIS A 284 -39.12 31.36 45.66
N GLY A 285 -38.82 30.63 44.60
CA GLY A 285 -37.48 30.62 44.03
C GLY A 285 -36.57 29.66 44.77
N GLY A 286 -36.98 29.28 45.97
CA GLY A 286 -36.20 28.36 46.78
C GLY A 286 -35.68 27.17 45.99
N SER A 287 -34.41 26.85 46.19
CA SER A 287 -33.77 25.71 45.54
C SER A 287 -33.55 25.90 44.04
N TRP A 288 -33.91 27.07 43.52
CA TRP A 288 -33.80 27.31 42.09
C TRP A 288 -32.35 27.21 41.62
N ILE A 289 -31.47 27.89 42.35
CA ILE A 289 -30.04 27.79 42.07
C ILE A 289 -29.61 26.32 42.10
N ARG A 290 -30.24 25.53 42.97
CA ARG A 290 -29.87 24.14 43.16
C ARG A 290 -30.25 23.27 41.96
N GLY A 291 -31.44 23.48 41.43
CA GLY A 291 -31.92 22.72 40.28
C GLY A 291 -31.00 22.79 39.09
N ALA A 292 -30.40 23.96 38.86
CA ALA A 292 -29.50 24.15 37.72
C ALA A 292 -28.27 23.25 37.79
N ILE A 293 -27.60 23.26 38.94
CA ILE A 293 -26.39 22.47 39.14
C ILE A 293 -26.66 20.99 38.84
N TYR A 294 -27.77 20.49 39.36
CA TYR A 294 -28.18 19.10 39.14
C TYR A 294 -28.35 18.77 37.66
N TYR A 295 -29.03 19.65 36.94
CA TYR A 295 -29.22 19.46 35.50
C TYR A 295 -27.88 19.54 34.77
N PHE A 296 -27.01 20.44 35.22
CA PHE A 296 -25.70 20.61 34.62
C PHE A 296 -24.80 19.40 34.86
N LYS A 297 -24.76 18.95 36.12
CA LYS A 297 -23.97 17.78 36.47
C LYS A 297 -24.54 16.52 35.82
N ILE A 298 -25.81 16.59 35.41
CA ILE A 298 -26.44 15.51 34.66
C ILE A 298 -25.96 15.58 33.21
N ALA A 299 -25.79 16.80 32.72
CA ALA A 299 -25.34 17.02 31.35
C ALA A 299 -23.97 16.42 31.13
N VAL A 300 -23.01 16.75 31.99
CA VAL A 300 -21.66 16.20 31.88
C VAL A 300 -21.66 14.69 31.99
N ALA A 301 -22.32 14.17 33.03
CA ALA A 301 -22.42 12.73 33.22
C ALA A 301 -22.99 12.07 31.97
N LEU A 302 -23.90 12.77 31.31
CA LEU A 302 -24.51 12.28 30.07
C LEU A 302 -23.48 12.15 28.96
N ALA A 303 -22.75 13.24 28.71
CA ALA A 303 -21.74 13.26 27.66
C ALA A 303 -20.81 12.05 27.73
N VAL A 304 -20.12 11.90 28.86
CA VAL A 304 -19.17 10.80 29.02
C VAL A 304 -19.82 9.45 28.75
N ALA A 305 -21.09 9.31 29.13
CA ALA A 305 -21.80 8.05 28.95
C ALA A 305 -22.05 7.76 27.48
N ALA A 306 -22.35 8.80 26.72
CA ALA A 306 -22.67 8.67 25.31
C ALA A 306 -21.45 8.28 24.48
N ILE A 307 -20.33 8.92 24.78
CA ILE A 307 -19.08 8.69 24.06
C ILE A 307 -18.34 7.50 24.63
N PRO A 308 -17.76 6.68 23.75
CA PRO A 308 -16.89 5.57 24.17
C PRO A 308 -15.45 6.03 24.32
N GLU A 309 -15.13 6.67 25.43
CA GLU A 309 -13.80 7.21 25.68
C GLU A 309 -12.67 6.23 25.39
N GLY A 310 -12.84 4.99 25.85
CA GLY A 310 -11.79 4.01 25.76
C GLY A 310 -11.52 3.55 24.33
N LEU A 311 -12.49 3.75 23.46
CA LEU A 311 -12.45 3.19 22.11
C LEU A 311 -11.14 3.46 21.34
N PRO A 312 -10.74 4.74 21.22
CA PRO A 312 -9.52 5.08 20.49
C PRO A 312 -8.37 4.15 20.84
N ALA A 313 -8.00 4.12 22.12
CA ALA A 313 -6.98 3.19 22.59
C ALA A 313 -7.23 1.78 22.06
N VAL A 314 -8.32 1.15 22.52
CA VAL A 314 -8.63 -0.23 22.14
C VAL A 314 -8.37 -0.53 20.67
N ILE A 315 -8.77 0.40 19.80
CA ILE A 315 -8.59 0.23 18.36
C ILE A 315 -7.13 0.25 17.96
N THR A 316 -6.44 1.33 18.30
CA THR A 316 -5.04 1.46 17.93
C THR A 316 -4.19 0.30 18.45
N THR A 317 -4.47 -0.15 19.68
CA THR A 317 -3.72 -1.27 20.25
C THR A 317 -3.88 -2.49 19.35
N CYS A 318 -5.14 -2.82 19.05
CA CYS A 318 -5.50 -3.97 18.22
C CYS A 318 -4.80 -3.94 16.86
N LEU A 319 -4.80 -2.76 16.24
CA LEU A 319 -4.14 -2.57 14.96
C LEU A 319 -2.63 -2.71 15.07
N ALA A 320 -2.08 -2.27 16.21
CA ALA A 320 -0.63 -2.31 16.38
C ALA A 320 -0.07 -3.73 16.40
N LEU A 321 -0.66 -4.63 17.19
CA LEU A 321 -0.17 -6.00 17.19
C LEU A 321 -0.53 -6.72 15.89
N GLY A 322 -1.66 -6.33 15.30
CA GLY A 322 -2.02 -6.84 14.00
C GLY A 322 -0.98 -6.46 12.96
N THR A 323 -0.46 -5.24 13.08
CA THR A 323 0.60 -4.76 12.22
C THR A 323 1.89 -5.57 12.42
N ARG A 324 2.32 -5.69 13.67
CA ARG A 324 3.48 -6.51 14.00
C ARG A 324 3.25 -7.94 13.51
N ARG A 325 2.00 -8.38 13.57
CA ARG A 325 1.61 -9.72 13.15
C ARG A 325 1.84 -9.89 11.66
N MET A 326 1.47 -8.87 10.89
CA MET A 326 1.64 -8.88 9.45
C MET A 326 3.12 -8.77 9.07
N ALA A 327 3.86 -8.00 9.85
CA ALA A 327 5.29 -7.82 9.62
C ALA A 327 6.00 -9.17 9.59
N LYS A 328 5.56 -10.08 10.45
CA LYS A 328 6.10 -11.44 10.47
C LYS A 328 5.81 -12.14 9.15
N LYS A 329 4.68 -11.80 8.55
CA LYS A 329 4.27 -12.38 7.27
C LYS A 329 4.84 -11.63 6.07
N ASN A 330 5.91 -10.89 6.29
CA ASN A 330 6.57 -10.12 5.23
C ASN A 330 5.74 -8.95 4.71
N ALA A 331 4.70 -8.58 5.45
CA ALA A 331 3.84 -7.48 5.05
C ALA A 331 4.02 -6.29 5.98
N ILE A 332 4.65 -5.23 5.47
CA ILE A 332 4.91 -4.05 6.27
C ILE A 332 3.85 -2.97 6.04
N VAL A 333 3.05 -2.72 7.06
CA VAL A 333 1.96 -1.74 6.95
C VAL A 333 2.30 -0.40 7.59
N ARG A 334 2.41 0.63 6.75
CA ARG A 334 2.63 2.00 7.20
C ARG A 334 1.28 2.71 7.28
N SER A 335 1.00 3.31 8.43
CA SER A 335 -0.32 3.83 8.78
C SER A 335 -1.29 2.70 9.10
N LEU A 336 -1.80 2.70 10.32
CA LEU A 336 -2.66 1.62 10.79
C LEU A 336 -4.06 1.64 10.14
N PRO A 337 -4.62 2.84 9.92
CA PRO A 337 -5.99 2.91 9.35
C PRO A 337 -6.18 2.07 8.09
N SER A 338 -5.11 1.89 7.31
CA SER A 338 -5.19 1.18 6.03
C SER A 338 -5.47 -0.32 6.18
N VAL A 339 -5.35 -0.84 7.40
CA VAL A 339 -5.61 -2.25 7.65
C VAL A 339 -7.03 -2.64 7.24
N GLU A 340 -8.00 -1.78 7.53
CA GLU A 340 -9.38 -2.02 7.13
C GLU A 340 -9.54 -2.03 5.62
N THR A 341 -9.16 -0.93 4.98
CA THR A 341 -9.26 -0.82 3.52
C THR A 341 -8.56 -1.99 2.87
N LEU A 342 -7.63 -2.59 3.61
CA LEU A 342 -6.85 -3.71 3.14
C LEU A 342 -7.68 -4.99 3.07
N GLY A 343 -8.68 -5.09 3.94
CA GLY A 343 -9.56 -6.24 3.95
C GLY A 343 -10.66 -6.12 2.92
N CYS A 344 -10.93 -4.88 2.51
CA CYS A 344 -12.06 -4.59 1.63
C CYS A 344 -11.70 -4.65 0.14
N THR A 345 -10.41 -4.75 -0.16
CA THR A 345 -9.95 -4.71 -1.54
C THR A 345 -10.74 -5.67 -2.41
N SER A 346 -11.11 -5.21 -3.59
CA SER A 346 -11.86 -6.01 -4.54
C SER A 346 -11.04 -6.27 -5.79
N VAL A 347 -10.18 -5.30 -6.12
CA VAL A 347 -9.28 -5.45 -7.27
C VAL A 347 -7.84 -5.18 -6.87
N ILE A 348 -6.94 -6.05 -7.32
CA ILE A 348 -5.51 -5.87 -7.06
C ILE A 348 -4.70 -6.03 -8.35
N CYS A 349 -4.00 -4.97 -8.72
CA CYS A 349 -3.21 -4.95 -9.95
C CYS A 349 -1.75 -5.09 -9.61
N SER A 350 -1.16 -6.21 -10.00
CA SER A 350 0.22 -6.52 -9.62
C SER A 350 1.15 -6.60 -10.83
N ASP A 351 2.28 -5.91 -10.74
CA ASP A 351 3.32 -6.03 -11.76
C ASP A 351 3.74 -7.49 -11.84
N LYS A 352 3.97 -7.99 -13.05
CA LYS A 352 4.34 -9.38 -13.24
C LYS A 352 5.73 -9.71 -12.71
N THR A 353 6.74 -9.20 -13.40
CA THR A 353 8.12 -9.64 -13.20
C THR A 353 8.58 -9.60 -11.75
N GLY A 354 8.34 -8.48 -11.08
CA GLY A 354 8.81 -8.31 -9.71
C GLY A 354 8.18 -9.25 -8.71
N THR A 355 6.85 -9.26 -8.68
CA THR A 355 6.11 -10.00 -7.66
C THR A 355 5.69 -11.38 -8.16
N LEU A 356 4.79 -11.41 -9.13
CA LEU A 356 4.19 -12.65 -9.63
C LEU A 356 5.21 -13.69 -10.07
N THR A 357 6.39 -13.24 -10.49
CA THR A 357 7.45 -14.15 -10.91
C THR A 357 8.73 -13.93 -10.12
N THR A 358 9.63 -14.91 -10.19
CA THR A 358 10.90 -14.84 -9.44
C THR A 358 11.86 -13.82 -10.02
N ASN A 359 11.69 -13.50 -11.30
CA ASN A 359 12.65 -12.66 -12.01
C ASN A 359 13.97 -13.39 -12.14
N GLN A 360 13.92 -14.70 -11.95
CA GLN A 360 15.07 -15.58 -12.13
C GLN A 360 14.99 -16.24 -13.49
N MET A 361 15.90 -15.87 -14.39
CA MET A 361 15.81 -16.31 -15.78
C MET A 361 16.71 -17.50 -16.09
N SER A 362 16.24 -18.33 -17.02
CA SER A 362 17.03 -19.44 -17.54
C SER A 362 16.51 -19.84 -18.91
N VAL A 363 17.40 -20.37 -19.75
CA VAL A 363 17.00 -20.81 -21.07
C VAL A 363 16.55 -22.27 -21.04
N CYS A 364 15.32 -22.53 -21.49
CA CYS A 364 14.74 -23.86 -21.46
C CYS A 364 14.87 -24.54 -22.82
N LYS A 365 14.58 -23.79 -23.88
CA LYS A 365 14.60 -24.34 -25.23
C LYS A 365 15.34 -23.42 -26.18
N MET A 366 15.69 -23.96 -27.34
CA MET A 366 16.37 -23.19 -28.37
C MET A 366 16.32 -24.02 -29.64
N PHE A 367 16.37 -23.35 -30.78
CA PHE A 367 16.38 -24.07 -32.05
C PHE A 367 17.23 -23.41 -33.13
N ILE A 368 17.73 -24.24 -34.03
CA ILE A 368 18.55 -23.79 -35.14
C ILE A 368 18.12 -24.56 -36.37
N ILE A 369 18.48 -24.05 -37.55
CA ILE A 369 18.09 -24.72 -38.78
C ILE A 369 18.92 -25.97 -39.00
N ASP A 370 18.29 -27.02 -39.50
CA ASP A 370 18.96 -28.29 -39.73
C ASP A 370 19.13 -28.53 -41.23
N LYS A 371 18.02 -28.49 -41.95
CA LYS A 371 18.04 -28.77 -43.39
C LYS A 371 16.95 -27.98 -44.11
N VAL A 372 17.38 -27.23 -45.12
CA VAL A 372 16.45 -26.49 -45.96
C VAL A 372 16.58 -26.95 -47.39
N ASP A 373 15.59 -27.70 -47.85
CA ASP A 373 15.61 -28.23 -49.20
C ASP A 373 14.26 -28.02 -49.85
N GLY A 374 14.20 -27.08 -50.80
CA GLY A 374 12.97 -26.73 -51.46
C GLY A 374 11.94 -26.29 -50.44
N ASP A 375 10.73 -26.83 -50.55
CA ASP A 375 9.66 -26.53 -49.61
C ASP A 375 9.92 -27.23 -48.28
N PHE A 376 10.61 -28.37 -48.37
CA PHE A 376 10.92 -29.17 -47.18
C PHE A 376 11.84 -28.41 -46.25
N CYS A 377 11.50 -28.40 -44.97
CA CYS A 377 12.28 -27.67 -43.98
C CYS A 377 12.27 -28.41 -42.64
N SER A 378 13.46 -28.55 -42.05
CA SER A 378 13.59 -29.19 -40.74
C SER A 378 14.47 -28.34 -39.83
N LEU A 379 14.13 -28.35 -38.54
CA LEU A 379 14.86 -27.56 -37.55
C LEU A 379 15.29 -28.45 -36.38
N ASN A 380 16.29 -27.97 -35.65
CA ASN A 380 16.81 -28.69 -34.49
C ASN A 380 16.35 -28.04 -33.18
N GLU A 381 15.45 -28.71 -32.47
CA GLU A 381 14.93 -28.18 -31.21
C GLU A 381 15.66 -28.80 -30.01
N PHE A 382 16.10 -27.97 -29.09
CA PHE A 382 16.84 -28.46 -27.92
C PHE A 382 16.15 -28.10 -26.61
N SER A 383 16.55 -28.78 -25.55
CA SER A 383 16.04 -28.50 -24.22
C SER A 383 17.20 -28.45 -23.22
N ILE A 384 17.19 -27.40 -22.41
CA ILE A 384 18.27 -27.17 -21.45
C ILE A 384 17.76 -27.31 -20.02
N THR A 385 18.65 -27.71 -19.11
CA THR A 385 18.28 -27.94 -17.72
C THR A 385 18.91 -26.91 -16.79
N GLY A 386 18.23 -26.63 -15.68
CA GLY A 386 18.74 -25.70 -14.69
C GLY A 386 18.02 -24.37 -14.71
N SER A 387 17.30 -24.07 -13.63
CA SER A 387 16.56 -22.82 -13.50
C SER A 387 17.44 -21.72 -12.94
N THR A 388 18.46 -22.11 -12.18
CA THR A 388 19.41 -21.16 -11.62
C THR A 388 20.29 -20.57 -12.70
N TYR A 389 20.94 -19.46 -12.38
CA TYR A 389 21.94 -18.87 -13.25
C TYR A 389 23.19 -19.74 -13.24
N ALA A 390 23.23 -20.70 -12.33
CA ALA A 390 24.38 -21.59 -12.18
C ALA A 390 24.62 -22.45 -13.41
N PRO A 391 25.85 -22.37 -13.97
CA PRO A 391 26.24 -23.22 -15.10
C PRO A 391 26.29 -24.71 -14.73
N GLU A 392 25.14 -25.26 -14.34
CA GLU A 392 25.03 -26.68 -14.03
C GLU A 392 23.82 -27.23 -14.76
N GLY A 393 24.00 -27.58 -16.04
CA GLY A 393 22.90 -28.03 -16.86
C GLY A 393 23.34 -28.97 -17.97
N GLU A 394 22.37 -29.35 -18.81
CA GLU A 394 22.63 -30.32 -19.86
C GLU A 394 21.75 -30.03 -21.07
N VAL A 395 22.33 -30.15 -22.25
CA VAL A 395 21.60 -29.93 -23.48
C VAL A 395 21.18 -31.28 -24.07
N LEU A 396 19.89 -31.43 -24.37
CA LEU A 396 19.38 -32.70 -24.89
C LEU A 396 18.38 -32.54 -26.02
N LYS A 397 18.57 -33.32 -27.08
CA LYS A 397 17.62 -33.37 -28.18
C LYS A 397 16.75 -34.60 -28.02
N ASN A 398 15.43 -34.38 -27.97
CA ASN A 398 14.49 -35.45 -27.65
C ASN A 398 14.87 -36.16 -26.35
N ASP A 399 15.19 -35.35 -25.33
CA ASP A 399 15.49 -35.86 -23.99
C ASP A 399 16.81 -36.62 -23.88
N LYS A 400 17.60 -36.62 -24.94
CA LYS A 400 18.86 -37.35 -24.93
C LYS A 400 20.08 -36.44 -24.86
N PRO A 401 20.94 -36.67 -23.85
CA PRO A 401 22.18 -35.94 -23.60
C PRO A 401 22.94 -35.64 -24.90
N ILE A 402 23.44 -34.43 -25.05
CA ILE A 402 24.13 -34.04 -26.28
C ILE A 402 25.33 -33.15 -26.04
N ARG A 403 26.41 -33.46 -26.75
CA ARG A 403 27.58 -32.60 -26.77
C ARG A 403 27.38 -31.52 -27.83
N SER A 404 27.33 -30.27 -27.38
CA SER A 404 26.97 -29.16 -28.25
C SER A 404 27.89 -29.00 -29.45
N GLY A 405 29.18 -29.32 -29.28
CA GLY A 405 30.16 -29.20 -30.34
C GLY A 405 29.77 -29.92 -31.62
N GLN A 406 28.90 -30.91 -31.51
CA GLN A 406 28.46 -31.71 -32.66
C GLN A 406 27.79 -30.88 -33.73
N PHE A 407 27.19 -29.76 -33.33
CA PHE A 407 26.44 -28.93 -34.26
C PHE A 407 27.10 -27.58 -34.51
N ASP A 408 27.24 -27.21 -35.77
CA ASP A 408 27.87 -25.94 -36.13
C ASP A 408 26.89 -24.79 -35.99
N GLY A 409 25.60 -25.11 -36.00
CA GLY A 409 24.58 -24.12 -35.73
C GLY A 409 24.71 -23.62 -34.31
N LEU A 410 25.00 -24.54 -33.39
CA LEU A 410 25.14 -24.19 -31.98
C LEU A 410 26.38 -23.35 -31.72
N VAL A 411 27.49 -23.70 -32.36
CA VAL A 411 28.74 -22.97 -32.15
C VAL A 411 28.55 -21.48 -32.44
N GLU A 412 27.85 -21.17 -33.53
CA GLU A 412 27.60 -19.78 -33.93
C GLU A 412 26.55 -19.11 -33.03
N LEU A 413 25.50 -19.85 -32.73
CA LEU A 413 24.48 -19.36 -31.82
C LEU A 413 25.08 -19.03 -30.46
N ALA A 414 26.00 -19.87 -30.00
CA ALA A 414 26.64 -19.68 -28.69
C ALA A 414 27.55 -18.46 -28.66
N THR A 415 28.30 -18.26 -29.74
CA THR A 415 29.16 -17.08 -29.84
C THR A 415 28.33 -15.81 -29.75
N ILE A 416 27.20 -15.78 -30.45
CA ILE A 416 26.28 -14.64 -30.38
C ILE A 416 25.86 -14.32 -28.95
N CYS A 417 25.42 -15.33 -28.22
CA CYS A 417 24.91 -15.15 -26.86
C CYS A 417 25.96 -14.51 -25.95
N ALA A 418 27.21 -14.92 -26.11
CA ALA A 418 28.28 -14.45 -25.26
C ALA A 418 28.81 -13.10 -25.71
N LEU A 419 28.94 -12.93 -27.01
CA LEU A 419 29.53 -11.71 -27.57
C LEU A 419 28.55 -10.55 -27.58
N CYS A 420 27.31 -10.81 -27.98
CA CYS A 420 26.29 -9.77 -28.01
C CYS A 420 25.66 -9.60 -26.63
N ASN A 421 26.47 -9.78 -25.59
CA ASN A 421 25.99 -9.74 -24.22
C ASN A 421 26.83 -8.81 -23.35
N ASP A 422 26.16 -7.86 -22.68
CA ASP A 422 26.83 -6.91 -21.78
C ASP A 422 27.00 -7.47 -20.37
N SER A 423 25.98 -8.20 -19.91
CA SER A 423 25.98 -8.75 -18.55
C SER A 423 26.93 -9.93 -18.39
N SER A 424 27.36 -10.17 -17.15
CA SER A 424 28.25 -11.30 -16.86
C SER A 424 27.76 -12.11 -15.67
N LEU A 425 28.60 -13.05 -15.23
CA LEU A 425 28.25 -13.89 -14.10
C LEU A 425 29.34 -13.80 -13.03
N ASP A 426 28.93 -13.66 -11.78
CA ASP A 426 29.86 -13.59 -10.67
C ASP A 426 29.48 -14.60 -9.59
N PHE A 427 30.49 -15.26 -9.03
CA PHE A 427 30.26 -16.18 -7.93
C PHE A 427 30.56 -15.50 -6.60
N ASN A 428 29.62 -15.60 -5.67
CA ASN A 428 29.78 -15.04 -4.33
C ASN A 428 30.14 -16.11 -3.30
N GLU A 429 31.19 -15.84 -2.53
CA GLU A 429 31.71 -16.79 -1.56
C GLU A 429 30.86 -16.85 -0.28
N THR A 430 30.30 -15.70 0.11
CA THR A 430 29.55 -15.60 1.36
C THR A 430 28.24 -16.39 1.36
N LYS A 431 27.43 -16.22 0.32
CA LYS A 431 26.15 -16.93 0.22
C LYS A 431 26.29 -18.28 -0.49
N GLY A 432 27.40 -18.46 -1.21
CA GLY A 432 27.63 -19.71 -1.94
C GLY A 432 26.62 -19.98 -3.03
N VAL A 433 26.34 -18.95 -3.83
CA VAL A 433 25.37 -19.07 -4.93
C VAL A 433 25.78 -18.19 -6.10
N TYR A 434 25.51 -18.66 -7.32
CA TYR A 434 25.86 -17.91 -8.51
C TYR A 434 24.91 -16.74 -8.70
N GLU A 435 25.48 -15.56 -8.94
CA GLU A 435 24.70 -14.33 -9.00
C GLU A 435 24.86 -13.63 -10.33
N LYS A 436 23.77 -13.04 -10.83
CA LYS A 436 23.81 -12.31 -12.07
C LYS A 436 24.49 -10.97 -11.86
N VAL A 437 25.37 -10.59 -12.79
CA VAL A 437 26.08 -9.32 -12.70
C VAL A 437 25.28 -8.17 -13.32
N GLY A 438 24.71 -8.41 -14.49
CA GLY A 438 23.96 -7.37 -15.19
C GLY A 438 22.46 -7.65 -15.29
N GLU A 439 21.98 -7.79 -16.51
CA GLU A 439 20.56 -7.98 -16.80
C GLU A 439 20.13 -9.44 -16.63
N ALA A 440 18.92 -9.64 -16.14
CA ALA A 440 18.36 -10.96 -15.92
C ALA A 440 18.30 -11.78 -17.21
N THR A 441 17.74 -11.20 -18.26
CA THR A 441 17.61 -11.89 -19.53
C THR A 441 18.97 -12.16 -20.18
N GLU A 442 19.85 -11.17 -20.12
CA GLU A 442 21.20 -11.33 -20.67
C GLU A 442 22.00 -12.33 -19.84
N THR A 443 21.92 -12.20 -18.53
CA THR A 443 22.65 -13.09 -17.64
C THR A 443 22.36 -14.57 -17.94
N ALA A 444 21.11 -14.88 -18.27
CA ALA A 444 20.74 -16.27 -18.55
C ALA A 444 21.33 -16.76 -19.87
N LEU A 445 21.73 -15.82 -20.72
CA LEU A 445 22.43 -16.14 -21.95
C LEU A 445 23.88 -16.54 -21.63
N THR A 446 24.53 -15.75 -20.78
CA THR A 446 25.88 -16.08 -20.35
C THR A 446 25.83 -17.40 -19.61
N THR A 447 24.71 -17.63 -18.92
CA THR A 447 24.47 -18.88 -18.22
C THR A 447 24.39 -20.03 -19.20
N LEU A 448 23.63 -19.84 -20.26
CA LEU A 448 23.41 -20.88 -21.27
C LEU A 448 24.70 -21.39 -21.89
N VAL A 449 25.47 -20.48 -22.47
CA VAL A 449 26.71 -20.84 -23.15
C VAL A 449 27.62 -21.73 -22.30
N GLU A 450 27.55 -21.55 -20.98
CA GLU A 450 28.33 -22.37 -20.06
C GLU A 450 27.89 -23.83 -20.14
N LYS A 451 26.59 -24.05 -19.99
CA LYS A 451 26.01 -25.39 -19.98
C LYS A 451 26.25 -26.13 -21.29
N MET A 452 26.54 -25.37 -22.35
CA MET A 452 26.61 -25.94 -23.69
C MET A 452 27.93 -25.65 -24.40
N ASN A 453 28.98 -25.36 -23.66
CA ASN A 453 30.25 -24.96 -24.27
C ASN A 453 30.56 -25.78 -25.53
N VAL A 454 30.42 -25.14 -26.69
CA VAL A 454 30.55 -25.86 -27.95
C VAL A 454 31.99 -26.28 -28.23
N PHE A 455 32.91 -25.76 -27.43
CA PHE A 455 34.32 -26.08 -27.58
C PHE A 455 34.73 -27.11 -26.55
N ASN A 456 33.84 -27.36 -25.60
CA ASN A 456 34.03 -28.38 -24.60
C ASN A 456 35.34 -28.19 -23.84
N THR A 457 35.77 -26.93 -23.77
CA THR A 457 36.92 -26.56 -22.96
C THR A 457 36.69 -27.19 -21.60
N GLU A 458 37.73 -27.80 -21.04
CA GLU A 458 37.59 -28.50 -19.77
C GLU A 458 37.64 -27.50 -18.60
N VAL A 459 36.61 -27.56 -17.76
CA VAL A 459 36.49 -26.64 -16.63
C VAL A 459 36.01 -27.33 -15.36
N ARG A 460 35.86 -28.65 -15.43
CA ARG A 460 35.44 -29.43 -14.27
C ARG A 460 36.38 -29.23 -13.09
N ASN A 461 37.66 -29.08 -13.39
CA ASN A 461 38.66 -28.83 -12.36
C ASN A 461 38.61 -27.39 -11.85
N LEU A 462 38.17 -26.47 -12.71
CA LEU A 462 38.18 -25.05 -12.39
C LEU A 462 37.37 -24.74 -11.14
N SER A 463 37.92 -23.84 -10.32
CA SER A 463 37.22 -23.35 -9.15
C SER A 463 35.84 -22.84 -9.55
N LYS A 464 34.91 -22.80 -8.61
CA LYS A 464 33.58 -22.30 -8.90
C LYS A 464 33.59 -20.83 -9.31
N VAL A 465 34.51 -20.07 -8.73
CA VAL A 465 34.67 -18.66 -9.07
C VAL A 465 35.10 -18.51 -10.52
N GLU A 466 36.07 -19.34 -10.92
CA GLU A 466 36.61 -19.28 -12.27
C GLU A 466 35.68 -19.98 -13.25
N ARG A 467 34.81 -20.84 -12.73
CA ARG A 467 33.86 -21.59 -13.56
C ARG A 467 32.81 -20.66 -14.17
N ALA A 468 32.41 -19.67 -13.38
CA ALA A 468 31.33 -18.76 -13.75
C ALA A 468 31.45 -18.14 -15.14
N ASN A 469 32.69 -17.87 -15.57
CA ASN A 469 32.89 -17.18 -16.84
C ASN A 469 33.82 -17.90 -17.83
N ALA A 470 34.16 -19.15 -17.53
CA ALA A 470 35.11 -19.90 -18.35
C ALA A 470 34.74 -19.93 -19.85
N CYS A 471 33.65 -20.60 -20.18
CA CYS A 471 33.27 -20.83 -21.58
C CYS A 471 32.97 -19.53 -22.34
N ASN A 472 32.64 -18.49 -21.60
CA ASN A 472 32.42 -17.17 -22.20
C ASN A 472 33.74 -16.53 -22.59
N SER A 473 34.67 -16.52 -21.64
CA SER A 473 35.99 -15.97 -21.87
C SER A 473 36.61 -16.51 -23.17
N VAL A 474 36.50 -17.81 -23.37
CA VAL A 474 37.07 -18.45 -24.56
C VAL A 474 36.50 -17.85 -25.84
N ILE A 475 35.22 -17.49 -25.79
CA ILE A 475 34.55 -16.89 -26.92
C ILE A 475 34.97 -15.42 -27.07
N ARG A 476 35.27 -14.78 -25.95
CA ARG A 476 35.73 -13.39 -25.96
C ARG A 476 37.11 -13.29 -26.60
N GLN A 477 37.88 -14.37 -26.49
CA GLN A 477 39.20 -14.45 -27.11
C GLN A 477 39.07 -14.55 -28.62
N LEU A 478 38.13 -15.36 -29.08
CA LEU A 478 37.95 -15.66 -30.50
C LEU A 478 37.77 -14.40 -31.34
N MET A 479 36.88 -13.51 -30.87
CA MET A 479 36.55 -12.30 -31.61
C MET A 479 36.77 -11.06 -30.75
N LYS A 480 37.55 -10.12 -31.26
CA LYS A 480 37.71 -8.84 -30.58
C LYS A 480 36.49 -8.00 -30.91
N LYS A 481 35.90 -7.38 -29.91
CA LYS A 481 34.71 -6.57 -30.13
C LYS A 481 35.06 -5.09 -30.25
N GLU A 482 34.82 -4.52 -31.44
CA GLU A 482 35.14 -3.13 -31.70
C GLU A 482 34.19 -2.23 -30.92
N PHE A 483 32.89 -2.45 -31.11
CA PHE A 483 31.88 -1.65 -30.44
C PHE A 483 30.53 -2.35 -30.44
N THR A 484 29.54 -1.70 -29.83
CA THR A 484 28.20 -2.28 -29.71
C THR A 484 27.09 -1.28 -30.03
N LEU A 485 26.03 -1.77 -30.68
CA LEU A 485 24.87 -0.95 -30.97
C LEU A 485 23.76 -1.29 -29.99
N GLU A 486 23.59 -0.44 -28.99
CA GLU A 486 22.68 -0.73 -27.89
C GLU A 486 21.23 -0.88 -28.33
N PHE A 487 20.43 -1.50 -27.47
CA PHE A 487 19.02 -1.73 -27.73
C PHE A 487 18.26 -0.40 -27.83
N SER A 488 17.40 -0.30 -28.84
CA SER A 488 16.42 0.78 -28.92
C SER A 488 15.07 0.16 -29.25
N ARG A 489 14.02 0.71 -28.66
CA ARG A 489 12.69 0.14 -28.76
C ARG A 489 12.08 0.15 -30.16
N ASP A 490 12.60 0.98 -31.06
CA ASP A 490 12.06 1.06 -32.41
C ASP A 490 12.31 -0.24 -33.18
N ARG A 491 13.52 -0.76 -33.07
CA ARG A 491 13.91 -1.97 -33.80
C ARG A 491 13.85 -3.19 -32.88
N LYS A 492 13.84 -2.93 -31.58
CA LYS A 492 13.77 -3.99 -30.57
C LYS A 492 14.85 -5.05 -30.75
N SER A 493 16.09 -4.60 -30.91
CA SER A 493 17.21 -5.52 -31.03
C SER A 493 18.51 -4.74 -30.83
N MET A 494 19.56 -5.45 -30.44
CA MET A 494 20.86 -4.82 -30.30
C MET A 494 21.91 -5.58 -31.09
N SER A 495 22.98 -4.89 -31.46
CA SER A 495 24.04 -5.48 -32.26
C SER A 495 25.43 -5.23 -31.67
N VAL A 496 26.41 -5.99 -32.15
CA VAL A 496 27.81 -5.75 -31.83
C VAL A 496 28.67 -5.92 -33.08
N TYR A 497 29.72 -5.14 -33.18
CA TYR A 497 30.65 -5.21 -34.31
C TYR A 497 31.97 -5.82 -33.82
N CYS A 498 32.42 -6.88 -34.50
CA CYS A 498 33.59 -7.61 -34.04
C CYS A 498 34.63 -7.86 -35.14
N SER A 499 35.87 -7.47 -34.85
CA SER A 499 36.99 -7.83 -35.72
C SER A 499 37.53 -9.17 -35.25
N PRO A 500 37.75 -10.10 -36.19
CA PRO A 500 38.32 -11.39 -35.83
C PRO A 500 39.68 -11.20 -35.20
N ALA A 501 39.80 -11.51 -33.92
CA ALA A 501 41.04 -11.30 -33.20
C ALA A 501 42.02 -12.48 -33.38
N LYS A 502 43.27 -12.15 -33.71
CA LYS A 502 44.35 -13.12 -33.88
C LYS A 502 44.53 -13.58 -35.33
N SER A 503 45.73 -14.05 -35.65
CA SER A 503 46.10 -14.42 -37.02
C SER A 503 45.55 -15.77 -37.48
N SER A 504 45.48 -16.73 -36.57
CA SER A 504 45.04 -18.08 -36.92
C SER A 504 43.59 -18.08 -37.39
N ARG A 505 42.77 -17.23 -36.79
CA ARG A 505 41.34 -17.15 -37.09
C ARG A 505 41.02 -15.93 -37.95
N ALA A 506 42.03 -15.08 -38.17
CA ALA A 506 41.86 -13.81 -38.91
C ALA A 506 41.40 -14.01 -40.34
N ALA A 507 40.13 -14.37 -40.49
CA ALA A 507 39.52 -14.55 -41.79
C ALA A 507 38.10 -13.99 -41.79
N VAL A 508 37.42 -14.10 -42.92
CA VAL A 508 36.07 -13.57 -43.12
C VAL A 508 35.85 -12.12 -42.62
N GLY A 509 36.91 -11.51 -42.09
CA GLY A 509 36.84 -10.13 -41.65
C GLY A 509 35.86 -9.90 -40.50
N ASN A 510 35.40 -8.67 -40.37
CA ASN A 510 34.52 -8.27 -39.27
C ASN A 510 33.09 -8.78 -39.44
N LYS A 511 32.44 -9.13 -38.34
CA LYS A 511 31.08 -9.64 -38.37
C LYS A 511 30.19 -8.97 -37.33
N MET A 512 28.90 -8.89 -37.62
CA MET A 512 27.93 -8.34 -36.68
C MET A 512 27.09 -9.42 -36.03
N PHE A 513 26.85 -9.28 -34.72
CA PHE A 513 26.03 -10.24 -33.98
C PHE A 513 24.85 -9.53 -33.35
N VAL A 514 23.65 -9.81 -33.87
CA VAL A 514 22.44 -9.12 -33.43
C VAL A 514 21.46 -10.07 -32.75
N LYS A 515 20.83 -9.58 -31.68
CA LYS A 515 19.80 -10.33 -30.98
C LYS A 515 18.66 -9.38 -30.68
N GLY A 516 17.43 -9.88 -30.73
CA GLY A 516 16.28 -9.05 -30.46
C GLY A 516 14.96 -9.78 -30.62
N ALA A 517 13.88 -9.00 -30.65
CA ALA A 517 12.55 -9.57 -30.81
C ALA A 517 12.42 -10.27 -32.15
N PRO A 518 12.06 -11.55 -32.12
CA PRO A 518 11.95 -12.44 -33.29
C PRO A 518 11.32 -11.76 -34.49
N GLU A 519 10.06 -11.32 -34.35
CA GLU A 519 9.37 -10.67 -35.46
C GLU A 519 10.24 -9.62 -36.15
N GLY A 520 10.71 -8.64 -35.38
CA GLY A 520 11.47 -7.54 -35.93
C GLY A 520 12.71 -7.98 -36.71
N VAL A 521 13.59 -8.73 -36.06
CA VAL A 521 14.87 -9.07 -36.66
C VAL A 521 14.75 -10.08 -37.81
N ILE A 522 13.75 -10.95 -37.75
CA ILE A 522 13.59 -11.96 -38.78
C ILE A 522 13.24 -11.35 -40.14
N ASP A 523 12.56 -10.20 -40.12
CA ASP A 523 12.21 -9.53 -41.37
C ASP A 523 13.45 -9.01 -42.07
N ARG A 524 14.47 -8.68 -41.29
CA ARG A 524 15.71 -8.15 -41.85
C ARG A 524 16.59 -9.28 -42.41
N CYS A 525 16.39 -10.49 -41.91
CA CYS A 525 17.13 -11.65 -42.39
C CYS A 525 16.72 -12.02 -43.81
N ASN A 526 17.71 -12.11 -44.69
CA ASN A 526 17.48 -12.53 -46.06
C ASN A 526 18.05 -13.93 -46.28
N TYR A 527 18.76 -14.42 -45.27
CA TYR A 527 19.42 -15.71 -45.35
C TYR A 527 19.23 -16.49 -44.05
N VAL A 528 19.38 -17.81 -44.13
CA VAL A 528 19.37 -18.68 -42.97
C VAL A 528 20.64 -19.51 -42.96
N ARG A 529 21.17 -19.78 -41.77
CA ARG A 529 22.39 -20.57 -41.69
C ARG A 529 22.13 -21.99 -41.19
N VAL A 530 22.45 -22.96 -42.03
CA VAL A 530 22.41 -24.36 -41.65
C VAL A 530 23.84 -24.85 -41.48
N GLY A 531 24.20 -25.21 -40.24
CA GLY A 531 25.57 -25.58 -39.93
C GLY A 531 26.54 -24.48 -40.33
N THR A 532 27.53 -24.85 -41.13
CA THR A 532 28.49 -23.88 -41.65
C THR A 532 27.89 -23.17 -42.86
N THR A 533 27.14 -23.91 -43.66
CA THR A 533 26.53 -23.39 -44.87
C THR A 533 25.48 -22.31 -44.58
N ARG A 534 25.09 -21.60 -45.62
CA ARG A 534 24.09 -20.55 -45.53
C ARG A 534 23.18 -20.59 -46.75
N VAL A 535 21.89 -20.33 -46.54
CA VAL A 535 20.90 -20.46 -47.59
C VAL A 535 19.95 -19.25 -47.58
N PRO A 536 19.54 -18.78 -48.76
CA PRO A 536 18.61 -17.65 -48.84
C PRO A 536 17.29 -17.96 -48.13
N MET A 537 16.76 -16.99 -47.40
CA MET A 537 15.49 -17.15 -46.71
C MET A 537 14.32 -17.25 -47.68
N THR A 538 13.42 -18.20 -47.41
CA THR A 538 12.21 -18.34 -48.20
C THR A 538 10.98 -18.39 -47.28
N GLY A 539 9.81 -18.17 -47.86
CA GLY A 539 8.57 -18.19 -47.10
C GLY A 539 8.42 -19.40 -46.18
N PRO A 540 8.36 -20.60 -46.76
CA PRO A 540 8.19 -21.87 -46.03
C PRO A 540 9.09 -22.00 -44.79
N VAL A 541 10.36 -21.65 -44.91
CA VAL A 541 11.27 -21.70 -43.76
C VAL A 541 10.85 -20.67 -42.73
N LYS A 542 10.63 -19.45 -43.18
CA LYS A 542 10.25 -18.36 -42.28
C LYS A 542 9.00 -18.71 -41.49
N GLU A 543 8.08 -19.44 -42.12
CA GLU A 543 6.84 -19.84 -41.47
C GLU A 543 7.10 -20.88 -40.38
N LYS A 544 7.87 -21.91 -40.71
CA LYS A 544 8.20 -22.94 -39.75
C LYS A 544 8.91 -22.32 -38.56
N ILE A 545 9.68 -21.26 -38.81
CA ILE A 545 10.36 -20.54 -37.75
C ILE A 545 9.36 -19.82 -36.85
N LEU A 546 8.55 -18.97 -37.44
CA LEU A 546 7.57 -18.20 -36.68
C LEU A 546 6.57 -19.11 -35.97
N SER A 547 6.27 -20.25 -36.57
CA SER A 547 5.29 -21.16 -35.99
C SER A 547 5.74 -21.67 -34.62
N VAL A 548 6.96 -22.20 -34.56
CA VAL A 548 7.53 -22.69 -33.31
C VAL A 548 7.66 -21.57 -32.29
N ILE A 549 7.88 -20.36 -32.76
CA ILE A 549 7.98 -19.20 -31.89
C ILE A 549 6.65 -18.91 -31.20
N LYS A 550 5.57 -18.94 -31.96
CA LYS A 550 4.24 -18.78 -31.37
C LYS A 550 3.96 -19.90 -30.37
N GLU A 551 4.23 -21.15 -30.78
CA GLU A 551 4.03 -22.30 -29.90
C GLU A 551 4.77 -22.13 -28.57
N TRP A 552 5.96 -21.54 -28.63
CA TRP A 552 6.79 -21.36 -27.44
C TRP A 552 6.35 -20.15 -26.60
N GLY A 553 5.89 -19.10 -27.27
CA GLY A 553 5.49 -17.89 -26.58
C GLY A 553 4.07 -17.92 -26.06
N THR A 554 3.16 -18.51 -26.83
CA THR A 554 1.75 -18.56 -26.47
C THR A 554 1.36 -19.90 -25.84
N GLY A 555 2.16 -20.93 -26.09
CA GLY A 555 1.87 -22.26 -25.59
C GLY A 555 2.03 -22.37 -24.08
N ARG A 556 1.89 -23.58 -23.57
CA ARG A 556 2.03 -23.85 -22.13
C ARG A 556 3.38 -23.42 -21.58
N ASP A 557 4.35 -23.28 -22.48
CA ASP A 557 5.72 -22.94 -22.08
C ASP A 557 5.84 -21.49 -21.63
N THR A 558 5.14 -20.60 -22.34
CA THR A 558 5.18 -19.15 -22.06
C THR A 558 6.61 -18.63 -22.00
N LEU A 559 7.43 -19.00 -22.98
CA LEU A 559 8.82 -18.58 -23.02
C LEU A 559 8.98 -17.23 -23.72
N ARG A 560 9.97 -16.45 -23.28
CA ARG A 560 10.35 -15.25 -24.01
C ARG A 560 11.37 -15.63 -25.08
N CYS A 561 11.07 -15.30 -26.32
CA CYS A 561 11.91 -15.72 -27.45
C CYS A 561 12.82 -14.62 -27.98
N LEU A 562 14.10 -14.96 -28.17
CA LEU A 562 15.06 -14.09 -28.81
C LEU A 562 15.51 -14.67 -30.14
N ALA A 563 15.51 -13.85 -31.18
CA ALA A 563 16.03 -14.27 -32.47
C ALA A 563 17.49 -13.86 -32.57
N LEU A 564 18.38 -14.82 -32.79
CA LEU A 564 19.80 -14.54 -32.94
C LEU A 564 20.19 -14.57 -34.40
N ALA A 565 20.90 -13.53 -34.86
CA ALA A 565 21.37 -13.48 -36.24
C ALA A 565 22.75 -12.85 -36.34
N THR A 566 23.41 -13.04 -37.48
CA THR A 566 24.70 -12.43 -37.73
C THR A 566 24.69 -11.74 -39.09
N ARG A 567 25.37 -10.60 -39.19
CA ARG A 567 25.58 -9.99 -40.49
C ARG A 567 26.92 -10.43 -41.06
N ASP A 568 26.87 -11.36 -42.00
CA ASP A 568 28.08 -11.92 -42.60
C ASP A 568 28.93 -10.83 -43.23
N THR A 569 28.28 -9.91 -43.93
CA THR A 569 29.01 -8.82 -44.58
C THR A 569 28.55 -7.46 -44.06
N PRO A 570 28.96 -7.10 -42.83
CA PRO A 570 28.58 -5.81 -42.28
C PRO A 570 29.13 -4.69 -43.15
N PRO A 571 28.62 -3.47 -42.98
CA PRO A 571 29.14 -2.34 -43.75
C PRO A 571 30.51 -1.96 -43.24
N LYS A 572 31.30 -1.31 -44.08
CA LYS A 572 32.62 -0.84 -43.69
C LYS A 572 32.51 -0.03 -42.40
N ARG A 573 33.40 -0.29 -41.45
CA ARG A 573 33.34 0.40 -40.17
C ARG A 573 33.32 1.92 -40.32
N GLU A 574 34.04 2.41 -41.32
CA GLU A 574 34.15 3.85 -41.55
C GLU A 574 32.82 4.45 -42.01
N GLU A 575 32.10 3.70 -42.83
CA GLU A 575 30.82 4.15 -43.35
C GLU A 575 29.79 4.24 -42.24
N MET A 576 30.10 3.63 -41.11
CA MET A 576 29.17 3.57 -39.99
C MET A 576 29.30 4.76 -39.04
N VAL A 577 28.16 5.34 -38.68
CA VAL A 577 28.10 6.38 -37.66
C VAL A 577 27.48 5.81 -36.38
N LEU A 578 28.18 5.95 -35.27
CA LEU A 578 27.82 5.24 -34.05
C LEU A 578 27.18 6.14 -33.00
N ASP A 579 26.81 7.35 -33.40
CA ASP A 579 26.25 8.34 -32.48
C ASP A 579 24.74 8.56 -32.66
N ASP A 580 24.15 7.84 -33.61
CA ASP A 580 22.71 7.96 -33.89
C ASP A 580 21.98 6.62 -33.90
N SER A 581 21.04 6.45 -32.98
CA SER A 581 20.26 5.22 -32.86
C SER A 581 19.34 4.97 -34.06
N SER A 582 19.00 6.04 -34.77
CA SER A 582 18.09 5.95 -35.90
C SER A 582 18.70 5.12 -37.03
N ARG A 583 19.99 5.33 -37.27
CA ARG A 583 20.71 4.58 -38.30
C ARG A 583 20.93 3.12 -37.92
N PHE A 584 20.65 2.76 -36.67
CA PHE A 584 20.94 1.40 -36.20
C PHE A 584 20.18 0.30 -36.92
N MET A 585 18.90 0.54 -37.21
CA MET A 585 18.08 -0.49 -37.84
C MET A 585 18.59 -0.82 -39.23
N GLU A 586 19.10 0.18 -39.95
CA GLU A 586 19.62 -0.03 -41.29
C GLU A 586 21.00 -0.71 -41.28
N TYR A 587 21.66 -0.70 -40.14
CA TYR A 587 22.93 -1.39 -39.99
C TYR A 587 22.66 -2.87 -39.83
N GLU A 588 21.62 -3.15 -39.05
CA GLU A 588 21.17 -4.52 -38.82
C GLU A 588 20.21 -4.93 -39.93
N THR A 589 20.74 -5.26 -41.09
CA THR A 589 19.93 -5.73 -42.21
C THR A 589 20.64 -6.85 -42.96
N ASP A 590 19.99 -7.40 -43.97
CA ASP A 590 20.58 -8.47 -44.78
C ASP A 590 21.23 -9.50 -43.86
N LEU A 591 20.56 -9.80 -42.75
CA LEU A 591 21.11 -10.67 -41.73
C LEU A 591 20.98 -12.14 -42.10
N THR A 592 21.74 -12.98 -41.41
CA THR A 592 21.65 -14.42 -41.56
C THR A 592 21.18 -15.05 -40.25
N PHE A 593 19.93 -15.48 -40.22
CA PHE A 593 19.33 -16.06 -39.04
C PHE A 593 20.00 -17.38 -38.65
N VAL A 594 20.58 -17.43 -37.44
CA VAL A 594 21.24 -18.63 -36.96
C VAL A 594 20.33 -19.53 -36.12
N GLY A 595 19.57 -18.91 -35.22
CA GLY A 595 18.66 -19.66 -34.35
C GLY A 595 18.06 -18.79 -33.26
N VAL A 596 17.02 -19.30 -32.61
CA VAL A 596 16.38 -18.56 -31.53
C VAL A 596 16.54 -19.26 -30.19
N VAL A 597 16.35 -18.49 -29.13
CA VAL A 597 16.49 -19.00 -27.78
C VAL A 597 15.28 -18.63 -26.93
N GLY A 598 14.68 -19.63 -26.29
CA GLY A 598 13.52 -19.41 -25.46
C GLY A 598 13.87 -19.57 -23.99
N MET A 599 13.49 -18.58 -23.20
CA MET A 599 13.83 -18.56 -21.78
C MET A 599 12.59 -18.27 -20.94
N LEU A 600 12.61 -18.68 -19.68
CA LEU A 600 11.44 -18.54 -18.82
C LEU A 600 11.70 -17.72 -17.56
N ASP A 601 10.75 -16.85 -17.26
CA ASP A 601 10.70 -16.16 -16.00
C ASP A 601 9.60 -16.82 -15.17
N PRO A 602 9.98 -17.83 -14.37
CA PRO A 602 9.05 -18.73 -13.68
C PRO A 602 8.19 -18.03 -12.65
N PRO A 603 6.88 -18.33 -12.64
CA PRO A 603 5.95 -17.86 -11.62
C PRO A 603 6.33 -18.41 -10.25
N ARG A 604 5.95 -17.72 -9.17
CA ARG A 604 6.25 -18.20 -7.84
C ARG A 604 5.32 -19.34 -7.42
N LYS A 605 5.87 -20.32 -6.70
CA LYS A 605 5.11 -21.50 -6.30
C LYS A 605 3.85 -21.12 -5.54
N GLU A 606 3.94 -20.03 -4.80
CA GLU A 606 2.86 -19.59 -3.92
C GLU A 606 1.76 -18.90 -4.71
N VAL A 607 2.11 -18.35 -5.86
CA VAL A 607 1.20 -17.55 -6.67
C VAL A 607 -0.08 -18.28 -7.09
N MET A 608 0.08 -19.45 -7.71
CA MET A 608 -1.06 -20.21 -8.23
C MET A 608 -2.20 -20.33 -7.22
N GLY A 609 -1.85 -20.78 -6.02
CA GLY A 609 -2.83 -20.92 -4.96
C GLY A 609 -3.36 -19.59 -4.46
N SER A 610 -2.50 -18.57 -4.47
CA SER A 610 -2.88 -17.24 -4.03
C SER A 610 -3.90 -16.61 -4.99
N ILE A 611 -3.79 -16.94 -6.27
CA ILE A 611 -4.75 -16.47 -7.26
C ILE A 611 -6.11 -17.10 -7.01
N GLN A 612 -6.10 -18.41 -6.82
CA GLN A 612 -7.33 -19.15 -6.51
C GLN A 612 -8.02 -18.55 -5.29
N LEU A 613 -7.23 -18.19 -4.28
CA LEU A 613 -7.76 -17.56 -3.08
C LEU A 613 -8.60 -16.35 -3.45
N CYS A 614 -8.15 -15.59 -4.45
CA CYS A 614 -8.87 -14.39 -4.88
C CYS A 614 -10.18 -14.74 -5.58
N ARG A 615 -10.20 -15.87 -6.28
CA ARG A 615 -11.42 -16.34 -6.90
C ARG A 615 -12.42 -16.69 -5.81
N ASP A 616 -11.94 -17.44 -4.81
CA ASP A 616 -12.77 -17.83 -3.67
C ASP A 616 -13.16 -16.59 -2.87
N ALA A 617 -12.24 -15.63 -2.79
CA ALA A 617 -12.43 -14.42 -1.98
C ALA A 617 -13.23 -13.34 -2.70
N GLY A 618 -13.44 -13.52 -4.00
CA GLY A 618 -14.21 -12.57 -4.78
C GLY A 618 -13.37 -11.40 -5.26
N ILE A 619 -12.09 -11.45 -4.93
CA ILE A 619 -11.14 -10.43 -5.35
C ILE A 619 -10.72 -10.62 -6.81
N ARG A 620 -10.80 -9.54 -7.58
CA ARG A 620 -10.36 -9.59 -8.97
C ARG A 620 -8.90 -9.18 -9.07
N VAL A 621 -8.09 -10.05 -9.65
CA VAL A 621 -6.67 -9.78 -9.81
C VAL A 621 -6.35 -9.33 -11.23
N ILE A 622 -5.72 -8.18 -11.36
CA ILE A 622 -5.31 -7.65 -12.65
C ILE A 622 -3.79 -7.67 -12.79
N MET A 623 -3.31 -8.23 -13.90
CA MET A 623 -1.88 -8.31 -14.14
C MET A 623 -1.37 -7.16 -15.03
N ILE A 624 -0.22 -6.62 -14.66
CA ILE A 624 0.47 -5.63 -15.49
C ILE A 624 1.83 -6.19 -15.86
N THR A 625 2.12 -6.24 -17.15
CA THR A 625 3.37 -6.84 -17.61
C THR A 625 3.97 -6.12 -18.81
N GLY A 626 5.19 -6.52 -19.17
CA GLY A 626 5.89 -5.93 -20.30
C GLY A 626 5.85 -6.80 -21.55
N ASP A 627 5.53 -8.07 -21.39
CA ASP A 627 5.48 -9.01 -22.51
C ASP A 627 4.44 -8.56 -23.54
N ASN A 628 4.61 -9.02 -24.78
CA ASN A 628 3.59 -8.77 -25.81
C ASN A 628 2.30 -9.48 -25.42
N LYS A 629 1.17 -8.86 -25.75
CA LYS A 629 -0.15 -9.40 -25.40
C LYS A 629 -0.20 -10.93 -25.44
N GLY A 630 0.18 -11.49 -26.58
CA GLY A 630 0.10 -12.93 -26.79
C GLY A 630 0.59 -13.77 -25.62
N THR A 631 1.87 -13.64 -25.30
CA THR A 631 2.46 -14.39 -24.20
C THR A 631 1.91 -13.94 -22.84
N ALA A 632 1.67 -12.64 -22.70
CA ALA A 632 1.11 -12.10 -21.46
C ALA A 632 -0.15 -12.86 -21.09
N ILE A 633 -1.06 -12.97 -22.04
CA ILE A 633 -2.27 -13.77 -21.87
C ILE A 633 -1.92 -15.20 -21.48
N ALA A 634 -0.90 -15.75 -22.12
CA ALA A 634 -0.48 -17.11 -21.85
C ALA A 634 -0.06 -17.28 -20.39
N ILE A 635 0.65 -16.29 -19.86
CA ILE A 635 1.10 -16.35 -18.47
C ILE A 635 -0.09 -16.30 -17.52
N CYS A 636 -1.13 -15.56 -17.91
CA CYS A 636 -2.34 -15.45 -17.10
C CYS A 636 -3.03 -16.80 -16.96
N ARG A 637 -3.10 -17.53 -18.06
CA ARG A 637 -3.73 -18.86 -18.06
C ARG A 637 -2.90 -19.86 -17.28
N ARG A 638 -1.62 -19.52 -17.08
CA ARG A 638 -0.67 -20.42 -16.43
C ARG A 638 -0.71 -20.24 -14.91
N ILE A 639 -1.19 -19.08 -14.47
CA ILE A 639 -1.31 -18.83 -13.03
C ILE A 639 -2.77 -18.85 -12.57
N GLY A 640 -3.69 -19.02 -13.52
CA GLY A 640 -5.09 -19.21 -13.19
C GLY A 640 -5.95 -17.98 -13.34
N ILE A 641 -5.35 -16.86 -13.72
CA ILE A 641 -6.11 -15.64 -13.97
C ILE A 641 -7.07 -15.87 -15.14
N PHE A 642 -6.68 -16.73 -16.06
CA PHE A 642 -7.55 -17.11 -17.17
C PHE A 642 -7.63 -18.64 -17.26
N GLY A 643 -8.75 -19.15 -17.74
CA GLY A 643 -8.91 -20.57 -17.99
C GLY A 643 -8.17 -20.92 -19.27
N GLU A 644 -7.60 -22.12 -19.32
CA GLU A 644 -6.86 -22.55 -20.49
C GLU A 644 -7.63 -22.27 -21.77
N ASN A 645 -8.92 -22.58 -21.76
CA ASN A 645 -9.76 -22.44 -22.94
C ASN A 645 -10.69 -21.24 -22.82
N GLU A 646 -10.55 -20.49 -21.74
CA GLU A 646 -11.39 -19.33 -21.49
C GLU A 646 -11.14 -18.22 -22.52
N GLU A 647 -12.21 -17.57 -22.95
CA GLU A 647 -12.11 -16.48 -23.91
C GLU A 647 -11.62 -15.20 -23.25
N VAL A 648 -10.73 -14.49 -23.93
CA VAL A 648 -10.03 -13.38 -23.32
C VAL A 648 -10.08 -12.12 -24.17
N ALA A 649 -10.55 -12.27 -25.41
CA ALA A 649 -10.61 -11.16 -26.37
C ALA A 649 -10.87 -9.79 -25.73
N ASP A 650 -11.89 -9.70 -24.89
CA ASP A 650 -12.30 -8.42 -24.30
C ASP A 650 -11.74 -8.18 -22.90
N ARG A 651 -10.96 -9.12 -22.38
CA ARG A 651 -10.39 -8.97 -21.04
C ARG A 651 -8.90 -8.67 -21.06
N ALA A 652 -8.30 -8.64 -22.24
CA ALA A 652 -6.87 -8.35 -22.36
C ALA A 652 -6.63 -7.15 -23.27
N TYR A 653 -5.74 -6.26 -22.83
CA TYR A 653 -5.48 -5.03 -23.56
C TYR A 653 -4.02 -4.60 -23.50
N THR A 654 -3.58 -3.90 -24.54
CA THR A 654 -2.27 -3.27 -24.56
C THR A 654 -2.46 -1.77 -24.50
N GLY A 655 -1.43 -1.06 -24.08
CA GLY A 655 -1.45 0.38 -24.01
C GLY A 655 -1.96 1.01 -25.29
N ARG A 656 -1.54 0.47 -26.43
CA ARG A 656 -1.99 0.99 -27.72
C ARG A 656 -3.51 0.86 -27.84
N GLU A 657 -4.02 -0.35 -27.63
CA GLU A 657 -5.45 -0.58 -27.70
C GLU A 657 -6.22 0.34 -26.77
N PHE A 658 -5.79 0.37 -25.52
CA PHE A 658 -6.42 1.19 -24.51
C PHE A 658 -6.48 2.67 -24.93
N ASP A 659 -5.36 3.18 -25.44
CA ASP A 659 -5.30 4.57 -25.91
C ASP A 659 -6.31 4.82 -27.02
N ASP A 660 -6.37 3.90 -27.97
CA ASP A 660 -7.30 3.99 -29.08
C ASP A 660 -8.74 4.04 -28.60
N LEU A 661 -9.03 3.32 -27.52
CA LEU A 661 -10.38 3.26 -26.97
C LEU A 661 -10.87 4.62 -26.50
N PRO A 662 -12.16 4.91 -26.73
CA PRO A 662 -12.80 6.13 -26.21
C PRO A 662 -13.03 6.02 -24.71
N LEU A 663 -13.26 7.15 -24.06
CA LEU A 663 -13.35 7.23 -22.60
C LEU A 663 -14.37 6.26 -22.02
N ALA A 664 -15.52 6.14 -22.68
CA ALA A 664 -16.58 5.24 -22.24
C ALA A 664 -16.14 3.78 -22.29
N GLU A 665 -15.58 3.37 -23.43
CA GLU A 665 -15.09 2.02 -23.61
C GLU A 665 -13.91 1.72 -22.70
N GLN A 666 -13.10 2.75 -22.42
CA GLN A 666 -11.98 2.64 -21.50
C GLN A 666 -12.46 2.26 -20.11
N ARG A 667 -13.31 3.11 -19.53
CA ARG A 667 -13.93 2.83 -18.24
C ARG A 667 -14.53 1.44 -18.20
N GLU A 668 -15.13 1.03 -19.31
CA GLU A 668 -15.81 -0.25 -19.42
C GLU A 668 -14.81 -1.41 -19.38
N ALA A 669 -13.73 -1.29 -20.13
CA ALA A 669 -12.70 -2.31 -20.15
C ALA A 669 -12.17 -2.60 -18.75
N CYS A 670 -12.06 -1.57 -17.93
CA CYS A 670 -11.48 -1.70 -16.60
C CYS A 670 -12.21 -2.68 -15.70
N ARG A 671 -13.54 -2.69 -15.78
CA ARG A 671 -14.32 -3.62 -14.98
C ARG A 671 -14.14 -5.05 -15.49
N ARG A 672 -13.90 -5.18 -16.80
CA ARG A 672 -13.77 -6.49 -17.43
C ARG A 672 -12.34 -7.01 -17.34
N ALA A 673 -11.38 -6.15 -17.66
CA ALA A 673 -9.99 -6.55 -17.87
C ALA A 673 -9.31 -7.20 -16.66
N CYS A 674 -8.38 -8.10 -16.96
CA CYS A 674 -7.59 -8.79 -15.94
C CYS A 674 -6.13 -8.90 -16.40
N CYS A 675 -5.83 -8.25 -17.51
CA CYS A 675 -4.49 -8.31 -18.10
C CYS A 675 -4.18 -7.11 -18.98
N PHE A 676 -3.15 -6.34 -18.60
CA PHE A 676 -2.67 -5.22 -19.41
C PHE A 676 -1.22 -5.41 -19.82
N ALA A 677 -0.97 -5.40 -21.12
CA ALA A 677 0.37 -5.62 -21.64
C ALA A 677 0.96 -4.37 -22.27
N ARG A 678 2.28 -4.22 -22.17
CA ARG A 678 2.96 -3.07 -22.72
C ARG A 678 2.28 -1.77 -22.27
N VAL A 679 2.26 -1.55 -20.96
CA VAL A 679 1.57 -0.39 -20.40
C VAL A 679 2.45 0.88 -20.39
N GLU A 680 1.82 2.02 -20.65
CA GLU A 680 2.50 3.31 -20.59
C GLU A 680 2.37 3.86 -19.16
N PRO A 681 3.22 4.85 -18.80
CA PRO A 681 3.28 5.30 -17.40
C PRO A 681 1.96 5.85 -16.88
N SER A 682 1.28 6.66 -17.69
CA SER A 682 0.04 7.30 -17.27
C SER A 682 -1.06 6.31 -16.89
N HIS A 683 -1.05 5.14 -17.51
CA HIS A 683 -2.16 4.18 -17.39
C HIS A 683 -2.50 3.78 -15.96
N LYS A 684 -1.47 3.42 -15.19
CA LYS A 684 -1.68 3.01 -13.81
C LYS A 684 -2.60 3.99 -13.08
N SER A 685 -2.33 5.29 -13.24
CA SER A 685 -3.16 6.32 -12.61
C SER A 685 -4.57 6.28 -13.18
N LYS A 686 -4.65 6.14 -14.50
CA LYS A 686 -5.94 6.06 -15.20
C LYS A 686 -6.76 4.87 -14.73
N ILE A 687 -6.21 3.67 -14.88
CA ILE A 687 -6.90 2.44 -14.46
C ILE A 687 -7.50 2.59 -13.07
N VAL A 688 -6.69 3.07 -12.13
CA VAL A 688 -7.17 3.31 -10.78
C VAL A 688 -8.39 4.20 -10.76
N GLU A 689 -8.30 5.36 -11.41
CA GLU A 689 -9.44 6.26 -11.50
C GLU A 689 -10.70 5.51 -11.92
N TYR A 690 -10.57 4.74 -12.99
CA TYR A 690 -11.68 3.97 -13.54
C TYR A 690 -12.21 2.93 -12.56
N LEU A 691 -11.32 2.15 -11.96
CA LEU A 691 -11.72 1.15 -10.99
C LEU A 691 -12.46 1.81 -9.84
N GLN A 692 -12.02 3.01 -9.49
CA GLN A 692 -12.67 3.78 -8.43
C GLN A 692 -14.02 4.31 -8.88
N SER A 693 -14.18 4.46 -10.18
CA SER A 693 -15.46 4.88 -10.73
C SER A 693 -16.54 3.86 -10.42
N TYR A 694 -16.15 2.59 -10.32
CA TYR A 694 -17.09 1.52 -9.96
C TYR A 694 -17.05 1.25 -8.46
N ASP A 695 -16.49 2.19 -7.71
CA ASP A 695 -16.38 2.08 -6.26
C ASP A 695 -15.50 0.90 -5.82
N GLU A 696 -14.73 0.34 -6.77
CA GLU A 696 -13.79 -0.73 -6.44
C GLU A 696 -12.68 -0.24 -5.52
N ILE A 697 -12.44 -0.99 -4.45
CA ILE A 697 -11.29 -0.75 -3.59
C ILE A 697 -10.09 -1.43 -4.21
N THR A 698 -9.22 -0.65 -4.84
CA THR A 698 -8.16 -1.21 -5.68
C THR A 698 -6.78 -1.16 -5.05
N ALA A 699 -5.95 -2.15 -5.39
CA ALA A 699 -4.57 -2.18 -4.95
C ALA A 699 -3.64 -2.12 -6.16
N MET A 700 -2.56 -1.35 -6.02
CA MET A 700 -1.61 -1.14 -7.11
C MET A 700 -0.19 -1.37 -6.64
N THR A 701 0.62 -2.00 -7.49
CA THR A 701 2.02 -2.21 -7.20
C THR A 701 2.88 -1.27 -8.04
N GLY A 702 3.85 -0.64 -7.39
CA GLY A 702 4.75 0.28 -8.06
C GLY A 702 6.14 0.17 -7.47
N ASP A 703 7.15 0.54 -8.25
CA ASP A 703 8.54 0.40 -7.82
C ASP A 703 9.28 1.74 -7.94
N GLY A 704 8.93 2.51 -8.95
CA GLY A 704 9.64 3.76 -9.22
C GLY A 704 8.84 5.02 -8.98
N VAL A 705 9.49 6.16 -9.17
CA VAL A 705 8.88 7.47 -8.97
C VAL A 705 7.70 7.72 -9.89
N ASN A 706 7.68 7.06 -11.04
CA ASN A 706 6.58 7.22 -11.99
C ASN A 706 5.32 6.51 -11.50
N ASP A 707 5.51 5.42 -10.77
CA ASP A 707 4.41 4.68 -10.20
C ASP A 707 3.81 5.43 -9.01
N ALA A 708 4.61 6.32 -8.43
CA ALA A 708 4.20 7.05 -7.22
C ALA A 708 2.81 7.70 -7.31
N PRO A 709 2.57 8.50 -8.36
CA PRO A 709 1.26 9.15 -8.50
C PRO A 709 0.13 8.13 -8.46
N ALA A 710 0.38 6.91 -8.93
CA ALA A 710 -0.62 5.86 -8.93
C ALA A 710 -0.81 5.25 -7.54
N LEU A 711 0.30 4.90 -6.90
CA LEU A 711 0.26 4.30 -5.57
C LEU A 711 -0.47 5.22 -4.58
N LYS A 712 -0.33 6.52 -4.79
CA LYS A 712 -0.98 7.48 -3.91
C LYS A 712 -2.45 7.62 -4.25
N LYS A 713 -2.80 7.21 -5.46
CA LYS A 713 -4.19 7.31 -5.92
C LYS A 713 -4.98 6.08 -5.50
N ALA A 714 -4.47 4.92 -5.88
CA ALA A 714 -5.10 3.65 -5.54
C ALA A 714 -5.39 3.58 -4.05
N GLU A 715 -6.54 2.98 -3.72
CA GLU A 715 -6.95 2.85 -2.32
C GLU A 715 -5.81 2.31 -1.48
N ILE A 716 -5.06 1.37 -2.03
CA ILE A 716 -3.92 0.80 -1.33
C ILE A 716 -2.76 0.62 -2.27
N GLY A 717 -1.81 1.56 -2.21
CA GLY A 717 -0.59 1.47 -2.99
C GLY A 717 0.35 0.46 -2.35
N ILE A 718 0.88 -0.44 -3.17
CA ILE A 718 1.81 -1.46 -2.68
C ILE A 718 3.18 -1.31 -3.34
N ALA A 719 4.20 -1.18 -2.50
CA ALA A 719 5.56 -0.97 -2.98
C ALA A 719 6.46 -2.16 -2.67
N MET A 720 7.53 -2.33 -3.43
CA MET A 720 8.47 -3.42 -3.22
C MET A 720 9.52 -3.04 -2.17
N GLY A 721 10.12 -4.06 -1.56
CA GLY A 721 11.21 -3.84 -0.63
C GLY A 721 12.44 -3.33 -1.34
N SER A 722 12.66 -3.84 -2.54
CA SER A 722 13.76 -3.38 -3.38
C SER A 722 13.43 -2.02 -3.99
N GLY A 723 12.19 -1.59 -3.79
CA GLY A 723 11.70 -0.35 -4.39
C GLY A 723 12.45 0.89 -3.94
N THR A 724 12.33 1.95 -4.73
CA THR A 724 12.97 3.21 -4.41
C THR A 724 12.31 3.77 -3.16
N ALA A 725 13.05 4.60 -2.43
CA ALA A 725 12.54 5.17 -1.18
C ALA A 725 11.23 5.93 -1.40
N VAL A 726 11.13 6.63 -2.53
CA VAL A 726 9.93 7.42 -2.82
C VAL A 726 8.72 6.54 -3.07
N ALA A 727 8.91 5.46 -3.82
CA ALA A 727 7.84 4.51 -4.08
C ALA A 727 7.25 4.01 -2.77
N LYS A 728 8.13 3.68 -1.83
CA LYS A 728 7.71 3.18 -0.53
C LYS A 728 6.87 4.20 0.25
N THR A 729 7.35 5.44 0.33
CA THR A 729 6.68 6.46 1.11
C THR A 729 5.27 6.76 0.60
N ALA A 730 5.05 6.57 -0.69
CA ALA A 730 3.76 6.85 -1.31
C ALA A 730 2.78 5.70 -1.11
N SER A 731 3.32 4.50 -0.88
CA SER A 731 2.49 3.31 -0.74
C SER A 731 1.95 3.17 0.68
N GLU A 732 0.98 2.29 0.82
CA GLU A 732 0.34 2.02 2.10
C GLU A 732 1.06 0.87 2.81
N MET A 733 1.61 -0.04 2.01
CA MET A 733 2.33 -1.21 2.52
C MET A 733 3.51 -1.58 1.62
N VAL A 734 4.54 -2.19 2.21
CA VAL A 734 5.71 -2.62 1.46
C VAL A 734 5.92 -4.14 1.56
N LEU A 735 6.17 -4.77 0.42
CA LEU A 735 6.43 -6.21 0.40
C LEU A 735 7.92 -6.47 0.53
N ALA A 736 8.32 -7.01 1.67
CA ALA A 736 9.73 -7.32 1.92
C ALA A 736 10.25 -8.37 0.95
N ASP A 737 9.49 -9.44 0.78
CA ASP A 737 9.87 -10.51 -0.12
C ASP A 737 9.48 -10.21 -1.57
N ASP A 738 8.80 -9.08 -1.76
CA ASP A 738 8.33 -8.67 -3.08
C ASP A 738 7.39 -9.71 -3.68
N ASN A 739 7.00 -10.69 -2.88
CA ASN A 739 6.16 -11.77 -3.35
C ASN A 739 4.70 -11.32 -3.47
N PHE A 740 4.03 -11.76 -4.51
CA PHE A 740 2.62 -11.42 -4.71
C PHE A 740 1.75 -12.06 -3.64
N SER A 741 2.06 -13.31 -3.28
CA SER A 741 1.29 -14.05 -2.30
C SER A 741 1.21 -13.25 -1.00
N THR A 742 2.28 -12.52 -0.69
CA THR A 742 2.32 -11.70 0.50
C THR A 742 1.18 -10.69 0.49
N ILE A 743 0.81 -10.24 -0.70
CA ILE A 743 -0.31 -9.31 -0.85
C ILE A 743 -1.62 -9.98 -0.42
N VAL A 744 -1.90 -11.14 -1.00
CA VAL A 744 -3.11 -11.88 -0.68
C VAL A 744 -3.20 -12.15 0.82
N ALA A 745 -2.10 -12.61 1.39
CA ALA A 745 -2.04 -12.94 2.82
C ALA A 745 -2.48 -11.76 3.67
N ALA A 746 -2.06 -10.56 3.29
CA ALA A 746 -2.39 -9.34 4.02
C ALA A 746 -3.89 -9.08 4.02
N VAL A 747 -4.54 -9.37 2.90
CA VAL A 747 -5.98 -9.13 2.79
C VAL A 747 -6.74 -10.03 3.76
N GLU A 748 -6.24 -11.24 3.94
CA GLU A 748 -6.85 -12.18 4.87
C GLU A 748 -6.85 -11.61 6.29
N GLU A 749 -5.70 -11.10 6.71
CA GLU A 749 -5.59 -10.45 8.02
C GLU A 749 -6.49 -9.22 8.06
N GLY A 750 -6.50 -8.46 6.97
CA GLY A 750 -7.32 -7.27 6.89
C GLY A 750 -8.78 -7.55 7.16
N ARG A 751 -9.25 -8.71 6.71
CA ARG A 751 -10.62 -9.12 6.97
C ARG A 751 -10.77 -9.68 8.37
N ALA A 752 -9.80 -10.49 8.78
CA ALA A 752 -9.81 -11.12 10.09
C ALA A 752 -9.81 -10.10 11.22
N ILE A 753 -8.89 -9.15 11.15
CA ILE A 753 -8.76 -8.10 12.16
C ILE A 753 -10.03 -7.26 12.24
N TYR A 754 -10.59 -6.93 11.08
CA TYR A 754 -11.77 -6.07 11.04
C TYR A 754 -12.97 -6.72 11.73
N ASN A 755 -13.14 -8.02 11.54
CA ASN A 755 -14.25 -8.73 12.17
C ASN A 755 -14.26 -8.61 13.69
N ASN A 756 -13.14 -8.94 14.32
CA ASN A 756 -13.03 -8.82 15.78
C ASN A 756 -13.17 -7.37 16.19
N MET A 757 -12.51 -6.50 15.43
CA MET A 757 -12.58 -5.07 15.66
C MET A 757 -14.03 -4.60 15.60
N LYS A 758 -14.81 -5.19 14.69
CA LYS A 758 -16.22 -4.85 14.55
C LYS A 758 -16.97 -5.21 15.83
N GLN A 759 -16.68 -6.38 16.37
CA GLN A 759 -17.37 -6.87 17.57
C GLN A 759 -17.09 -5.98 18.77
N PHE A 760 -15.82 -5.74 19.06
CA PHE A 760 -15.46 -4.97 20.24
C PHE A 760 -15.94 -3.52 20.16
N ILE A 761 -16.24 -3.07 18.95
CA ILE A 761 -16.74 -1.71 18.74
C ILE A 761 -18.21 -1.63 19.14
N ARG A 762 -19.01 -2.55 18.60
CA ARG A 762 -20.41 -2.65 18.96
C ARG A 762 -20.54 -2.86 20.46
N TYR A 763 -19.64 -3.67 21.00
CA TYR A 763 -19.61 -3.95 22.42
C TYR A 763 -19.42 -2.66 23.22
N LEU A 764 -18.51 -1.80 22.76
CA LEU A 764 -18.27 -0.54 23.44
C LEU A 764 -19.41 0.45 23.23
N ILE A 765 -19.93 0.48 22.00
CA ILE A 765 -21.06 1.35 21.69
C ILE A 765 -22.27 0.96 22.53
N SER A 766 -22.54 -0.34 22.62
CA SER A 766 -23.69 -0.84 23.37
C SER A 766 -23.64 -0.38 24.82
N SER A 767 -22.49 -0.58 25.48
CA SER A 767 -22.33 -0.13 26.84
C SER A 767 -22.66 1.35 26.96
N ASN A 768 -22.14 2.16 26.03
CA ASN A 768 -22.47 3.58 26.00
C ASN A 768 -23.98 3.76 25.96
N VAL A 769 -24.62 3.18 24.96
CA VAL A 769 -26.07 3.27 24.82
C VAL A 769 -26.76 3.02 26.16
N GLY A 770 -26.45 1.89 26.79
CA GLY A 770 -27.02 1.55 28.08
C GLY A 770 -26.77 2.60 29.17
N GLU A 771 -25.56 3.17 29.15
CA GLU A 771 -25.19 4.21 30.12
C GLU A 771 -26.01 5.47 29.92
N VAL A 772 -26.27 5.82 28.66
CA VAL A 772 -27.07 6.98 28.35
C VAL A 772 -28.49 6.81 28.90
N VAL A 773 -29.05 5.61 28.71
CA VAL A 773 -30.41 5.33 29.16
C VAL A 773 -30.57 5.51 30.66
N CYS A 774 -29.70 4.85 31.42
CA CYS A 774 -29.67 5.02 32.87
C CYS A 774 -29.67 6.50 33.25
N ILE A 775 -28.74 7.26 32.66
CA ILE A 775 -28.65 8.70 32.94
C ILE A 775 -29.97 9.39 32.64
N PHE A 776 -30.56 9.07 31.50
CA PHE A 776 -31.81 9.65 31.08
C PHE A 776 -32.95 9.31 32.03
N LEU A 777 -33.08 8.04 32.38
CA LEU A 777 -34.06 7.61 33.35
C LEU A 777 -33.87 8.37 34.66
N THR A 778 -32.61 8.46 35.10
CA THR A 778 -32.26 9.21 36.29
C THR A 778 -32.79 10.64 36.22
N ALA A 779 -32.68 11.26 35.05
CA ALA A 779 -33.09 12.65 34.87
C ALA A 779 -34.61 12.80 34.79
N ALA A 780 -35.24 11.95 33.97
CA ALA A 780 -36.68 12.02 33.75
C ALA A 780 -37.48 11.79 35.03
N LEU A 781 -37.00 10.86 35.85
CA LEU A 781 -37.72 10.49 37.07
C LEU A 781 -37.38 11.42 38.22
N GLY A 782 -36.27 12.13 38.10
CA GLY A 782 -35.82 13.03 39.16
C GLY A 782 -35.06 12.26 40.22
N LEU A 783 -34.63 11.05 39.87
CA LEU A 783 -33.87 10.21 40.78
C LEU A 783 -32.49 10.77 41.07
N PRO A 784 -31.90 10.37 42.20
CA PRO A 784 -30.51 10.75 42.51
C PRO A 784 -29.55 9.99 41.60
N GLU A 785 -28.38 10.58 41.35
CA GLU A 785 -27.40 9.98 40.46
C GLU A 785 -27.04 8.54 40.79
N ALA A 786 -27.41 7.63 39.90
CA ALA A 786 -27.03 6.23 40.02
C ALA A 786 -25.56 6.06 39.69
N LEU A 787 -25.11 6.78 38.67
CA LEU A 787 -23.73 6.70 38.23
C LEU A 787 -23.12 8.07 38.05
N ILE A 788 -21.91 8.23 38.55
CA ILE A 788 -21.15 9.47 38.41
C ILE A 788 -20.19 9.35 37.22
N PRO A 789 -19.91 10.47 36.55
CA PRO A 789 -19.01 10.47 35.40
C PRO A 789 -17.69 9.75 35.66
N VAL A 790 -17.01 10.09 36.76
CA VAL A 790 -15.74 9.47 37.09
C VAL A 790 -15.84 7.95 36.97
N GLN A 791 -16.89 7.38 37.55
CA GLN A 791 -17.13 5.93 37.48
C GLN A 791 -17.21 5.49 36.02
N LEU A 792 -18.09 6.12 35.25
CA LEU A 792 -18.30 5.79 33.84
C LEU A 792 -17.00 5.73 33.07
N LEU A 793 -16.17 6.76 33.25
CA LEU A 793 -14.85 6.81 32.61
C LEU A 793 -14.11 5.50 32.85
N TRP A 794 -13.90 5.17 34.12
CA TRP A 794 -13.23 3.94 34.51
C TRP A 794 -13.82 2.73 33.78
N VAL A 795 -15.15 2.66 33.70
CA VAL A 795 -15.81 1.55 33.03
C VAL A 795 -15.54 1.55 31.53
N ASN A 796 -15.67 2.70 30.89
CA ASN A 796 -15.45 2.81 29.45
C ASN A 796 -13.97 2.72 29.06
N LEU A 797 -13.12 3.22 29.95
CA LEU A 797 -11.68 3.26 29.72
C LEU A 797 -11.02 1.92 30.01
N VAL A 798 -11.32 1.35 31.18
CA VAL A 798 -10.65 0.15 31.65
C VAL A 798 -11.54 -1.09 31.67
N THR A 799 -12.58 -1.06 32.49
CA THR A 799 -13.47 -2.21 32.65
C THR A 799 -14.02 -2.72 31.31
N ASP A 800 -14.36 -1.79 30.42
CA ASP A 800 -14.84 -2.13 29.09
C ASP A 800 -13.69 -2.40 28.15
N GLY A 801 -12.60 -1.65 28.31
CA GLY A 801 -11.47 -1.72 27.40
C GLY A 801 -10.81 -3.08 27.31
N LEU A 802 -10.57 -3.69 28.46
CA LEU A 802 -9.87 -4.98 28.52
C LEU A 802 -10.62 -6.10 27.82
N PRO A 803 -11.90 -6.29 28.12
CA PRO A 803 -12.68 -7.27 27.37
C PRO A 803 -12.75 -6.89 25.90
N ALA A 804 -12.79 -5.59 25.62
CA ALA A 804 -12.86 -5.10 24.24
C ALA A 804 -11.57 -5.46 23.51
N THR A 805 -10.45 -5.26 24.19
CA THR A 805 -9.15 -5.62 23.65
C THR A 805 -9.08 -7.13 23.46
N ALA A 806 -9.57 -7.86 24.45
CA ALA A 806 -9.60 -9.32 24.38
C ALA A 806 -10.46 -9.81 23.21
N LEU A 807 -11.55 -9.09 22.93
CA LEU A 807 -12.42 -9.43 21.80
C LEU A 807 -11.68 -9.32 20.48
N GLY A 808 -10.65 -8.47 20.44
CA GLY A 808 -9.85 -8.31 19.24
C GLY A 808 -9.09 -9.57 18.90
N PHE A 809 -9.06 -10.51 19.85
CA PHE A 809 -8.32 -11.76 19.67
C PHE A 809 -9.24 -12.93 19.31
N ASN A 810 -10.51 -12.63 19.04
CA ASN A 810 -11.46 -13.66 18.61
C ASN A 810 -10.88 -14.56 17.53
N PRO A 811 -11.07 -15.88 17.69
CA PRO A 811 -10.67 -16.83 16.63
C PRO A 811 -11.38 -16.48 15.33
N PRO A 812 -10.63 -16.47 14.22
CA PRO A 812 -11.11 -16.05 12.89
C PRO A 812 -12.08 -17.06 12.27
N ASP A 813 -13.01 -16.57 11.45
CA ASP A 813 -13.94 -17.45 10.73
C ASP A 813 -13.19 -18.32 9.72
N LEU A 814 -13.75 -19.49 9.42
CA LEU A 814 -13.12 -20.41 8.49
C LEU A 814 -13.37 -20.01 7.05
N ASP A 815 -14.44 -19.26 6.82
CA ASP A 815 -14.85 -18.89 5.47
C ASP A 815 -14.48 -17.45 5.10
N ILE A 816 -13.56 -16.86 5.84
CA ILE A 816 -13.16 -15.47 5.59
C ILE A 816 -12.84 -15.25 4.12
N MET A 817 -12.07 -16.17 3.56
CA MET A 817 -11.62 -16.07 2.17
C MET A 817 -12.56 -16.76 1.19
N ASP A 818 -13.74 -17.17 1.70
CA ASP A 818 -14.77 -17.74 0.85
C ASP A 818 -15.92 -16.74 0.66
N ARG A 819 -15.84 -15.63 1.36
CA ARG A 819 -16.83 -14.56 1.24
C ARG A 819 -16.25 -13.41 0.41
N PRO A 820 -17.11 -12.77 -0.41
CA PRO A 820 -16.69 -11.60 -1.19
C PRO A 820 -16.23 -10.45 -0.29
N PRO A 821 -15.43 -9.53 -0.83
CA PRO A 821 -14.92 -8.42 -0.02
C PRO A 821 -16.05 -7.59 0.59
N ARG A 822 -15.90 -7.20 1.84
CA ARG A 822 -16.92 -6.41 2.55
C ARG A 822 -17.20 -5.09 1.85
N SER A 823 -18.47 -4.67 1.85
CA SER A 823 -18.84 -3.38 1.28
C SER A 823 -18.50 -2.23 2.23
N PRO A 824 -17.57 -1.37 1.82
CA PRO A 824 -17.18 -0.20 2.62
C PRO A 824 -18.38 0.56 3.17
N LYS A 825 -19.51 0.50 2.48
CA LYS A 825 -20.70 1.23 2.88
C LYS A 825 -21.36 0.61 4.11
N GLU A 826 -21.43 -0.72 4.14
CA GLU A 826 -22.16 -1.43 5.19
C GLU A 826 -21.85 -0.90 6.59
N PRO A 827 -22.91 -0.55 7.34
CA PRO A 827 -22.81 0.00 8.69
C PRO A 827 -22.53 -1.09 9.73
N LEU A 828 -21.96 -0.70 10.87
CA LEU A 828 -21.68 -1.65 11.94
C LEU A 828 -22.97 -2.16 12.56
N ILE A 829 -23.92 -1.26 12.80
CA ILE A 829 -25.16 -1.61 13.48
C ILE A 829 -26.39 -1.09 12.74
N SER A 830 -27.23 -2.01 12.27
CA SER A 830 -28.43 -1.65 11.53
C SER A 830 -29.51 -2.73 11.67
N GLY A 831 -30.74 -2.38 11.30
CA GLY A 831 -31.84 -3.32 11.35
C GLY A 831 -31.97 -4.02 12.69
N TRP A 832 -32.01 -5.35 12.65
CA TRP A 832 -32.23 -6.15 13.84
C TRP A 832 -31.20 -5.88 14.93
N LEU A 833 -29.91 -5.93 14.57
CA LEU A 833 -28.85 -5.68 15.55
C LEU A 833 -29.10 -4.38 16.29
N PHE A 834 -29.31 -3.30 15.54
CA PHE A 834 -29.59 -2.01 16.16
C PHE A 834 -30.68 -2.15 17.20
N PHE A 835 -31.74 -2.85 16.82
CA PHE A 835 -32.84 -3.10 17.74
C PHE A 835 -32.36 -3.89 18.95
N ARG A 836 -31.56 -4.92 18.71
CA ARG A 836 -30.93 -5.68 19.80
C ARG A 836 -30.27 -4.74 20.81
N TYR A 837 -29.22 -4.04 20.37
CA TYR A 837 -28.50 -3.15 21.26
C TYR A 837 -29.39 -2.05 21.79
N MET A 838 -30.50 -1.81 21.10
CA MET A 838 -31.51 -0.87 21.57
C MET A 838 -32.18 -1.44 22.81
N ALA A 839 -32.60 -2.70 22.70
CA ALA A 839 -33.25 -3.40 23.81
C ALA A 839 -32.28 -3.64 24.96
N ILE A 840 -31.16 -4.31 24.67
CA ILE A 840 -30.14 -4.57 25.68
C ILE A 840 -29.80 -3.28 26.44
N GLY A 841 -29.49 -2.24 25.69
CA GLY A 841 -29.17 -0.94 26.28
C GLY A 841 -30.22 -0.50 27.28
N GLY A 842 -31.48 -0.64 26.88
CA GLY A 842 -32.58 -0.33 27.77
C GLY A 842 -32.52 -1.17 29.02
N TYR A 843 -32.23 -2.45 28.88
CA TYR A 843 -32.17 -3.35 30.03
C TYR A 843 -31.14 -2.88 31.05
N VAL A 844 -29.91 -2.65 30.60
CA VAL A 844 -28.86 -2.16 31.49
C VAL A 844 -29.23 -0.81 32.08
N GLY A 845 -29.90 0.02 31.28
CA GLY A 845 -30.38 1.31 31.76
C GLY A 845 -31.23 1.12 32.99
N ALA A 846 -32.35 0.44 32.83
CA ALA A 846 -33.26 0.14 33.93
C ALA A 846 -32.55 -0.58 35.08
N ALA A 847 -31.62 -1.48 34.73
CA ALA A 847 -30.92 -2.28 35.71
C ALA A 847 -30.08 -1.43 36.66
N THR A 848 -29.30 -0.51 36.09
CA THR A 848 -28.45 0.37 36.89
C THR A 848 -29.26 1.34 37.75
N VAL A 849 -30.18 2.07 37.14
CA VAL A 849 -31.03 2.98 37.91
C VAL A 849 -31.84 2.22 38.93
N GLY A 850 -32.32 1.03 38.55
CA GLY A 850 -33.12 0.20 39.43
C GLY A 850 -32.34 -0.36 40.60
N ALA A 851 -31.12 -0.81 40.33
CA ALA A 851 -30.26 -1.36 41.37
C ALA A 851 -29.94 -0.32 42.44
N ALA A 852 -29.73 0.92 42.02
CA ALA A 852 -29.49 2.00 42.98
C ALA A 852 -30.77 2.29 43.75
N ALA A 853 -31.90 2.21 43.06
CA ALA A 853 -33.21 2.43 43.67
C ALA A 853 -33.56 1.32 44.66
N TRP A 854 -33.31 0.08 44.27
CA TRP A 854 -33.56 -1.07 45.14
C TRP A 854 -32.79 -1.01 46.46
N TRP A 855 -31.74 -0.19 46.49
CA TRP A 855 -30.99 -0.04 47.73
C TRP A 855 -31.65 1.05 48.58
N PHE A 856 -32.05 2.13 47.94
CA PHE A 856 -32.70 3.24 48.64
C PHE A 856 -33.98 2.75 49.34
N MET A 857 -34.69 1.82 48.69
CA MET A 857 -35.89 1.19 49.26
C MET A 857 -35.77 -0.32 49.17
N TYR A 858 -36.67 -1.05 49.82
CA TYR A 858 -36.64 -2.50 49.88
C TYR A 858 -35.28 -3.12 50.21
N ALA A 859 -34.39 -2.34 50.83
CA ALA A 859 -33.09 -2.85 51.25
C ALA A 859 -32.94 -2.74 52.76
N GLU A 860 -32.43 -3.80 53.37
CA GLU A 860 -32.23 -3.85 54.82
C GLU A 860 -31.27 -2.78 55.29
N ASP A 861 -30.12 -2.70 54.62
CA ASP A 861 -29.07 -1.73 54.98
C ASP A 861 -29.50 -0.29 54.77
N GLY A 862 -30.34 -0.06 53.76
CA GLY A 862 -30.74 1.28 53.42
C GLY A 862 -32.15 1.62 53.86
N PRO A 863 -32.36 2.86 54.33
CA PRO A 863 -33.70 3.34 54.71
C PRO A 863 -34.53 3.61 53.46
N GLY A 864 -35.66 2.91 53.33
CA GLY A 864 -36.42 2.99 52.10
C GLY A 864 -37.80 3.63 52.20
N VAL A 865 -38.09 4.49 51.24
CA VAL A 865 -39.45 4.98 51.05
C VAL A 865 -40.24 3.95 50.24
N THR A 866 -40.06 2.67 50.58
CA THR A 866 -40.65 1.53 49.85
C THR A 866 -41.10 1.84 48.42
N TYR A 867 -42.34 2.28 48.27
CA TYR A 867 -42.80 2.79 46.97
C TYR A 867 -43.36 4.19 47.16
N HIS A 868 -42.48 5.10 47.58
CA HIS A 868 -42.81 6.49 47.85
C HIS A 868 -42.04 7.38 46.88
N GLN A 869 -42.30 8.68 46.96
CA GLN A 869 -41.67 9.64 46.07
C GLN A 869 -40.39 10.20 46.67
N LEU A 870 -39.40 9.32 46.78
CA LEU A 870 -38.04 9.73 47.10
C LEU A 870 -37.57 10.71 46.03
N THR A 871 -38.22 10.61 44.88
CA THR A 871 -37.88 11.41 43.71
C THR A 871 -37.68 12.88 44.04
N HIS A 872 -38.58 13.45 44.85
CA HIS A 872 -38.51 14.85 45.20
C HIS A 872 -37.43 15.06 46.24
N PHE A 873 -36.32 14.37 46.05
CA PHE A 873 -35.27 14.29 47.05
C PHE A 873 -34.54 15.62 47.17
N MET A 874 -34.69 16.47 46.16
CA MET A 874 -34.12 17.80 46.20
C MET A 874 -34.60 18.55 47.44
N GLN A 875 -35.88 18.38 47.76
CA GLN A 875 -36.48 19.07 48.90
C GLN A 875 -36.62 18.17 50.10
N CYS A 876 -35.54 18.04 50.86
CA CYS A 876 -35.57 17.29 52.11
C CYS A 876 -35.40 18.24 53.28
N THR A 877 -34.32 19.01 53.28
CA THR A 877 -33.98 19.90 54.39
C THR A 877 -35.13 20.85 54.75
N GLU A 878 -35.72 21.47 53.74
CA GLU A 878 -36.78 22.45 53.94
C GLU A 878 -38.14 21.79 54.19
N ASP A 879 -38.32 20.61 53.63
CA ASP A 879 -39.62 19.94 53.66
C ASP A 879 -39.57 18.60 54.42
N HIS A 880 -38.63 18.49 55.35
CA HIS A 880 -38.40 17.23 56.07
C HIS A 880 -39.53 16.75 56.99
N PRO A 881 -40.28 17.68 57.61
CA PRO A 881 -41.38 17.13 58.41
C PRO A 881 -42.37 16.39 57.53
N HIS A 882 -42.62 16.98 56.36
CA HIS A 882 -43.47 16.38 55.34
C HIS A 882 -42.72 15.24 54.66
N PHE A 883 -43.10 14.00 54.98
CA PHE A 883 -42.62 12.80 54.29
C PHE A 883 -41.19 12.38 54.64
N GLU A 884 -40.38 13.28 55.18
CA GLU A 884 -38.99 12.99 55.46
C GLU A 884 -38.70 12.80 56.95
N GLY A 885 -39.14 11.68 57.51
CA GLY A 885 -38.91 11.40 58.92
C GLY A 885 -37.53 10.82 59.19
N LEU A 886 -36.52 11.37 58.51
CA LEU A 886 -35.14 10.92 58.67
C LEU A 886 -34.14 11.93 58.08
N ASP A 887 -32.85 11.66 58.30
CA ASP A 887 -31.77 12.48 57.76
C ASP A 887 -31.88 12.54 56.24
N CYS A 888 -31.59 13.70 55.66
CA CYS A 888 -31.79 13.93 54.22
C CYS A 888 -30.50 13.76 53.42
N GLU A 889 -29.36 13.89 54.07
CA GLU A 889 -28.05 13.71 53.44
C GLU A 889 -27.84 12.28 52.94
N ILE A 890 -28.78 11.39 53.27
CA ILE A 890 -28.65 9.98 52.93
C ILE A 890 -28.52 9.70 51.43
N PHE A 891 -29.04 10.60 50.60
CA PHE A 891 -29.05 10.41 49.15
C PHE A 891 -27.65 10.49 48.56
N GLU A 892 -26.74 11.08 49.33
CA GLU A 892 -25.35 11.21 48.92
C GLU A 892 -24.64 9.86 49.00
N ALA A 893 -25.14 8.99 49.86
CA ALA A 893 -24.54 7.67 50.10
C ALA A 893 -23.94 7.04 48.84
N PRO A 894 -22.80 6.37 49.00
CA PRO A 894 -22.10 5.72 47.88
C PRO A 894 -22.70 4.37 47.52
N GLU A 895 -23.14 3.65 48.54
CA GLU A 895 -23.69 2.30 48.40
C GLU A 895 -24.62 2.11 47.18
N PRO A 896 -25.55 3.07 46.96
CA PRO A 896 -26.43 2.92 45.80
C PRO A 896 -25.67 3.05 44.48
N MET A 897 -24.73 3.98 44.41
CA MET A 897 -23.93 4.19 43.22
C MET A 897 -23.08 2.97 42.92
N THR A 898 -22.42 2.44 43.94
CA THR A 898 -21.62 1.23 43.77
C THR A 898 -22.54 0.09 43.34
N MET A 899 -23.72 0.01 43.96
CA MET A 899 -24.68 -1.00 43.56
C MET A 899 -24.99 -0.86 42.07
N ALA A 900 -25.27 0.37 41.64
CA ALA A 900 -25.60 0.64 40.24
C ALA A 900 -24.39 0.42 39.35
N LEU A 901 -23.24 0.88 39.80
CA LEU A 901 -21.99 0.69 39.09
C LEU A 901 -21.69 -0.80 38.95
N SER A 902 -21.64 -1.50 40.09
CA SER A 902 -21.33 -2.93 40.07
C SER A 902 -22.16 -3.69 39.03
N VAL A 903 -23.47 -3.49 39.03
CA VAL A 903 -24.33 -4.19 38.08
C VAL A 903 -23.94 -3.90 36.64
N LEU A 904 -23.60 -2.65 36.37
CA LEU A 904 -23.10 -2.27 35.06
C LEU A 904 -21.88 -3.13 34.68
N VAL A 905 -20.84 -3.04 35.50
CA VAL A 905 -19.61 -3.79 35.25
C VAL A 905 -19.92 -5.26 34.97
N THR A 906 -20.70 -5.88 35.85
CA THR A 906 -21.05 -7.28 35.71
C THR A 906 -21.80 -7.52 34.40
N ILE A 907 -22.74 -6.65 34.08
CA ILE A 907 -23.49 -6.76 32.84
C ILE A 907 -22.54 -6.69 31.65
N GLU A 908 -21.51 -5.87 31.79
CA GLU A 908 -20.59 -5.60 30.70
C GLU A 908 -19.68 -6.80 30.40
N MET A 909 -19.31 -7.52 31.44
CA MET A 909 -18.54 -8.75 31.28
C MET A 909 -19.40 -9.80 30.60
N CYS A 910 -20.69 -9.79 30.91
CA CYS A 910 -21.65 -10.67 30.26
C CYS A 910 -21.78 -10.28 28.79
N ASN A 911 -22.12 -9.02 28.55
CA ASN A 911 -22.31 -8.51 27.19
C ASN A 911 -21.08 -8.76 26.33
N ALA A 912 -19.91 -8.79 26.97
CA ALA A 912 -18.67 -9.12 26.29
C ALA A 912 -18.73 -10.53 25.70
N LEU A 913 -19.27 -11.46 26.47
CA LEU A 913 -19.42 -12.84 26.01
C LEU A 913 -20.44 -12.93 24.88
N ASN A 914 -21.53 -12.19 25.02
CA ASN A 914 -22.57 -12.16 24.00
C ASN A 914 -22.03 -11.58 22.70
N SER A 915 -20.88 -10.93 22.79
CA SER A 915 -20.23 -10.31 21.65
C SER A 915 -19.16 -11.21 21.05
N LEU A 916 -18.94 -12.36 21.66
CA LEU A 916 -17.99 -13.34 21.11
C LEU A 916 -18.43 -13.72 19.71
N SER A 917 -19.75 -13.67 19.50
CA SER A 917 -20.35 -13.92 18.20
C SER A 917 -21.59 -13.07 18.08
N GLU A 918 -21.92 -12.68 16.85
CA GLU A 918 -23.11 -11.87 16.60
C GLU A 918 -24.40 -12.66 16.78
N ASN A 919 -24.48 -13.82 16.11
CA ASN A 919 -25.72 -14.60 16.11
C ASN A 919 -25.63 -16.00 16.70
N GLN A 920 -24.48 -16.34 17.28
CA GLN A 920 -24.27 -17.68 17.79
C GLN A 920 -24.44 -17.80 19.31
N SER A 921 -25.36 -18.67 19.71
CA SER A 921 -25.56 -18.99 21.12
C SER A 921 -24.25 -19.39 21.76
N LEU A 922 -24.12 -19.17 23.06
CA LEU A 922 -22.87 -19.46 23.76
C LEU A 922 -22.58 -20.95 23.92
N MET A 923 -23.62 -21.78 23.94
CA MET A 923 -23.42 -23.22 23.99
C MET A 923 -22.87 -23.69 22.65
N ARG A 924 -23.36 -23.08 21.58
CA ARG A 924 -22.81 -23.26 20.25
C ARG A 924 -21.42 -22.64 20.21
N MET A 925 -21.30 -21.44 20.77
CA MET A 925 -20.01 -20.73 20.82
C MET A 925 -19.61 -20.43 22.25
N PRO A 926 -18.96 -21.40 22.92
CA PRO A 926 -18.55 -21.23 24.31
C PRO A 926 -17.77 -19.93 24.52
N PRO A 927 -17.65 -19.49 25.78
CA PRO A 927 -16.78 -18.34 26.09
C PRO A 927 -15.33 -18.79 26.13
N TRP A 928 -15.11 -20.08 26.36
CA TRP A 928 -13.75 -20.62 26.48
C TRP A 928 -13.10 -20.81 25.11
N VAL A 929 -13.81 -20.41 24.07
CA VAL A 929 -13.23 -20.42 22.73
C VAL A 929 -12.12 -19.40 22.68
N ASN A 930 -12.31 -18.29 23.39
CA ASN A 930 -11.31 -17.24 23.50
C ASN A 930 -10.82 -17.14 24.95
N ILE A 931 -9.63 -17.67 25.21
CA ILE A 931 -9.07 -17.64 26.56
C ILE A 931 -8.86 -16.21 27.06
N TRP A 932 -8.34 -15.35 26.20
CA TRP A 932 -8.04 -13.98 26.58
C TRP A 932 -9.26 -13.22 27.12
N LEU A 933 -10.40 -13.41 26.47
CA LEU A 933 -11.62 -12.74 26.91
C LEU A 933 -11.94 -13.09 28.35
N LEU A 934 -11.94 -14.39 28.65
CA LEU A 934 -12.19 -14.86 30.00
C LEU A 934 -11.12 -14.34 30.95
N GLY A 935 -9.87 -14.37 30.48
CA GLY A 935 -8.75 -13.89 31.27
C GLY A 935 -8.85 -12.41 31.58
N SER A 936 -9.20 -11.63 30.56
CA SER A 936 -9.38 -10.19 30.72
C SER A 936 -10.59 -9.90 31.60
N ILE A 937 -11.66 -10.66 31.42
CA ILE A 937 -12.85 -10.50 32.24
C ILE A 937 -12.50 -10.55 33.72
N CYS A 938 -11.74 -11.58 34.11
CA CYS A 938 -11.33 -11.74 35.50
C CYS A 938 -10.55 -10.51 35.96
N LEU A 939 -9.67 -10.04 35.09
CA LEU A 939 -8.85 -8.88 35.39
C LEU A 939 -9.71 -7.65 35.70
N SER A 940 -10.68 -7.35 34.83
CA SER A 940 -11.55 -6.18 35.01
C SER A 940 -12.31 -6.23 36.33
N MET A 941 -12.74 -7.42 36.73
CA MET A 941 -13.46 -7.58 37.98
C MET A 941 -12.53 -7.33 39.16
N SER A 942 -11.34 -7.92 39.11
CA SER A 942 -10.33 -7.70 40.14
C SER A 942 -10.15 -6.22 40.39
N LEU A 943 -9.90 -5.49 39.30
CA LEU A 943 -9.75 -4.04 39.35
C LEU A 943 -10.98 -3.40 39.98
N HIS A 944 -12.16 -3.85 39.55
CA HIS A 944 -13.40 -3.34 40.12
C HIS A 944 -13.40 -3.48 41.64
N PHE A 945 -12.97 -4.65 42.13
CA PHE A 945 -12.86 -4.86 43.57
C PHE A 945 -11.85 -3.92 44.19
N LEU A 946 -10.69 -3.84 43.56
CA LEU A 946 -9.62 -2.95 43.99
C LEU A 946 -10.14 -1.56 44.36
N ILE A 947 -10.81 -0.91 43.42
CA ILE A 947 -11.27 0.46 43.63
C ILE A 947 -12.23 0.56 44.82
N LEU A 948 -12.82 -0.57 45.20
CA LEU A 948 -13.77 -0.63 46.30
C LEU A 948 -13.10 -0.79 47.65
N TYR A 949 -12.01 -1.55 47.69
CA TYR A 949 -11.40 -1.96 48.95
C TYR A 949 -10.16 -1.18 49.37
N VAL A 950 -9.26 -0.88 48.43
CA VAL A 950 -8.08 -0.08 48.75
C VAL A 950 -8.52 1.29 49.23
N ASP A 951 -7.83 1.82 50.23
CA ASP A 951 -8.26 3.04 50.93
C ASP A 951 -8.51 4.30 50.07
N PRO A 952 -7.48 4.74 49.32
CA PRO A 952 -7.59 6.01 48.58
C PRO A 952 -8.65 6.04 47.47
N LEU A 953 -8.91 4.90 46.84
CA LEU A 953 -9.72 4.86 45.63
C LEU A 953 -11.23 5.05 45.81
N PRO A 954 -11.85 4.25 46.70
CA PRO A 954 -13.31 4.23 46.84
C PRO A 954 -13.81 5.60 47.24
N MET A 955 -12.98 6.31 47.99
CA MET A 955 -13.30 7.66 48.41
C MET A 955 -13.36 8.57 47.19
N ILE A 956 -12.28 8.57 46.40
CA ILE A 956 -12.23 9.33 45.16
C ILE A 956 -13.43 9.03 44.28
N PHE A 957 -13.73 7.75 44.13
CA PHE A 957 -14.79 7.29 43.25
C PHE A 957 -16.17 7.47 43.84
N LYS A 958 -16.25 7.50 45.16
CA LYS A 958 -17.53 7.54 45.85
C LYS A 958 -18.17 6.16 45.86
N LEU A 959 -17.37 5.16 46.21
CA LEU A 959 -17.83 3.77 46.29
C LEU A 959 -17.47 3.15 47.64
N LYS A 960 -18.34 2.29 48.15
CA LYS A 960 -18.00 1.50 49.32
C LYS A 960 -18.39 0.03 49.09
N ALA A 961 -17.50 -0.87 49.49
CA ALA A 961 -17.75 -2.30 49.33
C ALA A 961 -19.14 -2.66 49.83
N LEU A 962 -19.71 -3.71 49.25
CA LEU A 962 -21.05 -4.15 49.61
C LEU A 962 -21.05 -5.58 50.17
N ASP A 963 -21.96 -5.84 51.12
CA ASP A 963 -22.04 -7.15 51.73
C ASP A 963 -22.28 -8.24 50.69
N LEU A 964 -21.87 -9.46 51.04
CA LEU A 964 -22.06 -10.60 50.16
C LEU A 964 -23.50 -10.62 49.66
N THR A 965 -24.43 -10.43 50.57
CA THR A 965 -25.86 -10.40 50.25
C THR A 965 -26.17 -9.37 49.15
N GLN A 966 -25.63 -8.17 49.31
CA GLN A 966 -25.82 -7.11 48.32
C GLN A 966 -25.27 -7.51 46.95
N TRP A 967 -24.13 -8.19 46.95
CA TRP A 967 -23.56 -8.71 45.72
C TRP A 967 -24.57 -9.55 44.96
N LEU A 968 -25.24 -10.45 45.66
CA LEU A 968 -26.18 -11.36 45.00
C LEU A 968 -27.25 -10.60 44.23
N MET A 969 -27.70 -9.48 44.81
CA MET A 969 -28.70 -8.65 44.15
C MET A 969 -28.21 -8.21 42.77
N VAL A 970 -26.92 -7.88 42.70
CA VAL A 970 -26.28 -7.52 41.43
C VAL A 970 -26.50 -8.63 40.41
N LEU A 971 -26.05 -9.83 40.78
CA LEU A 971 -26.15 -11.01 39.92
C LEU A 971 -27.56 -11.27 39.40
N LYS A 972 -28.55 -11.19 40.29
CA LYS A 972 -29.95 -11.41 39.93
C LYS A 972 -30.39 -10.35 38.91
N ILE A 973 -29.68 -9.23 38.91
CA ILE A 973 -29.98 -8.11 38.02
C ILE A 973 -29.16 -8.13 36.73
N SER A 974 -27.90 -8.53 36.81
CA SER A 974 -27.00 -8.48 35.66
C SER A 974 -27.05 -9.75 34.79
N LEU A 975 -26.87 -10.90 35.42
CA LEU A 975 -26.81 -12.19 34.70
C LEU A 975 -27.92 -12.42 33.67
N PRO A 976 -29.16 -12.01 34.00
CA PRO A 976 -30.25 -12.20 33.04
C PRO A 976 -29.97 -11.61 31.66
N VAL A 977 -28.95 -10.78 31.54
CA VAL A 977 -28.60 -10.19 30.25
C VAL A 977 -28.36 -11.27 29.20
N ILE A 978 -27.49 -12.22 29.54
CA ILE A 978 -27.09 -13.28 28.63
C ILE A 978 -28.32 -13.98 28.05
N GLY A 979 -29.27 -14.30 28.92
CA GLY A 979 -30.53 -14.88 28.49
C GLY A 979 -31.21 -13.98 27.47
N LEU A 980 -31.32 -12.68 27.79
CA LEU A 980 -31.94 -11.73 26.89
C LEU A 980 -31.30 -11.75 25.51
N ASP A 981 -29.98 -11.57 25.47
CA ASP A 981 -29.28 -11.55 24.19
C ASP A 981 -29.45 -12.89 23.49
N GLU A 982 -29.26 -13.98 24.22
CA GLU A 982 -29.44 -15.32 23.67
C GLU A 982 -30.78 -15.50 22.98
N ILE A 983 -31.80 -14.83 23.49
CA ILE A 983 -33.13 -14.91 22.90
C ILE A 983 -33.22 -14.08 21.62
N LEU A 984 -32.74 -12.85 21.68
CA LEU A 984 -32.58 -12.02 20.49
C LEU A 984 -31.58 -12.70 19.58
N LYS A 985 -30.74 -13.52 20.20
CA LYS A 985 -29.78 -14.37 19.51
C LYS A 985 -30.40 -15.72 19.18
N PHE A 986 -31.71 -15.86 19.36
CA PHE A 986 -32.42 -17.06 18.90
C PHE A 986 -33.49 -16.71 17.88
N ILE A 987 -33.72 -15.41 17.67
CA ILE A 987 -34.77 -14.99 16.74
C ILE A 987 -34.21 -14.84 15.34
N ALA A 988 -33.03 -14.22 15.27
CA ALA A 988 -32.33 -13.98 14.00
C ALA A 988 -32.00 -15.25 13.19
N ARG A 989 -31.00 -15.99 13.67
CA ARG A 989 -30.49 -17.17 13.00
C ARG A 989 -31.49 -18.32 12.87
N ASN A 990 -32.73 -18.06 13.27
CA ASN A 990 -33.88 -18.92 12.99
C ASN A 990 -35.04 -18.20 12.29
N TYR A 991 -35.86 -17.47 13.06
CA TYR A 991 -37.11 -16.88 12.55
C TYR A 991 -36.94 -15.63 11.67
N LEU A 992 -35.98 -14.77 12.01
CA LEU A 992 -35.62 -13.68 11.10
C LEU A 992 -35.01 -14.35 9.88
N GLU A 993 -34.28 -13.58 9.06
CA GLU A 993 -33.58 -14.17 7.93
C GLU A 993 -32.45 -15.08 8.45
N GLY A 994 -31.34 -15.15 7.73
CA GLY A 994 -30.19 -15.93 8.16
C GLY A 994 -30.47 -17.42 8.38
CAA 9TN B . -25.81 6.47 24.15
CAB 9TN B . -34.54 10.03 24.79
CAC 9TN B . -27.90 0.35 19.96
CAD 9TN B . -27.08 8.30 22.18
CAE 9TN B . -25.33 7.49 17.41
CAF 9TN B . -24.76 2.92 12.56
CAG 9TN B . -25.61 3.00 18.73
CAO 9TN B . -25.45 6.47 22.71
CAP 9TN B . -33.25 9.19 24.69
CAQ 9TN B . -33.54 7.87 24.00
CAR 9TN B . -32.23 7.21 23.61
CAS 9TN B . -32.42 6.61 22.24
CAT 9TN B . -31.11 5.96 21.86
CAU 9TN B . -31.13 5.58 20.35
OAV 9TN B . -25.29 6.02 14.66
CAW 9TN B . -26.53 1.95 16.68
OAH 9TN B . -28.45 0.55 17.62
OAI 9TN B . -29.15 4.26 21.02
OAJ 9TN B . -25.32 5.88 20.04
OAK 9TN B . -24.07 5.92 12.59
OAL 9TN B . -24.21 2.36 16.53
OAM 9TN B . -23.25 3.51 14.35
OAN 9TN B . -26.82 3.58 14.38
OAX 9TN B . -29.34 4.91 18.82
OAY 9TN B . -27.89 2.42 18.62
OAZ 9TN B . -27.16 7.13 19.67
CBA 9TN B . -28.21 1.08 18.71
CBB 9TN B . -26.10 7.24 21.80
CBC 9TN B . -29.79 4.85 20.14
CBD 9TN B . -26.10 6.76 20.44
CBE 9TN B . -26.35 6.40 17.46
CBF 9TN B . -24.60 5.36 13.52
CBG 9TN B . -26.33 5.22 16.84
CBH 9TN B . -25.34 4.93 15.77
CBI 9TN B . -27.92 4.98 18.64
CBJ 9TN B . -25.37 2.31 15.73
CBK 9TN B . -24.51 3.81 13.78
CBL 9TN B . -27.46 6.48 18.49
CBM 9TN B . -26.83 2.89 17.79
CBN 9TN B . -27.38 4.27 17.35
CBO 9TN B . -25.55 3.64 14.93
K K C . -4.42 6.24 -0.22
MG MG D . 7.70 1.33 -13.99
#